data_6FV4
#
_entry.id   6FV4
#
_cell.length_a   164.766
_cell.length_b   54.437
_cell.length_c   110.262
_cell.angle_alpha   90.00
_cell.angle_beta   123.22
_cell.angle_gamma   90.00
#
_symmetry.space_group_name_H-M   'C 1 2 1'
#
loop_
_entity.id
_entity.type
_entity.pdbx_description
1 polymer 'N-acetylglucosamine-6-phosphate deacetylase'
2 non-polymer 'ZINC ION'
3 non-polymer 2-acetamido-2-deoxy-6-O-phosphono-alpha-D-glucopyranose
4 non-polymer 'CADMIUM ION'
5 non-polymer 'CHLORIDE ION'
6 non-polymer 2,3-DIHYDROXY-1,4-DITHIOBUTANE
7 water water
#
_entity_poly.entity_id   1
_entity_poly.type   'polypeptide(L)'
_entity_poly.pdbx_seq_one_letter_code
;HHHHHHSSGLVPRGSHMLLTADTVLTGTELLRPGWLEIASDRVVAVGAGAPPAQADRNLGAATVVPGFVDTHLHGGGGGN
FSAATDDETARAVALHRAHGSTTLVASLVTAGPEDLLRQVSGLARQVRAGLIDGIHLEGPWLSTLRCGAHQPVLMRDPDP
GEIGRVLDAGEGTVRMVTIAPERDGALAAIAQLVNAGVVAAVGHTEATYDQTRAAIDAGATVGTHLFNAMRPIDRREPGP
AVALTEDSRVTVEMIVDGVHVAPAIYRHITQTVGPERLSLITAAMAATGMSDGVYRLGPLDIDVVAGVARVAGTDTIAGS
TATMEQVFRLAVAHCGLPRDDALSLAVRQACVNPARALGLPAAGLAAGARADLVVLDHDLAVTAVMRAGEWVVTPGAAHT
V
;
_entity_poly.pdbx_strand_id   A,B
#
# COMPACT_ATOMS: atom_id res chain seq x y z
N GLY A 14 -3.19 -40.48 -21.19
CA GLY A 14 -3.94 -40.71 -22.41
C GLY A 14 -3.05 -40.97 -23.61
N SER A 15 -3.48 -40.55 -24.79
CA SER A 15 -2.63 -40.69 -25.96
C SER A 15 -2.72 -39.43 -26.82
N HIS A 16 -3.85 -39.18 -27.47
CA HIS A 16 -4.02 -37.95 -28.25
C HIS A 16 -5.32 -37.27 -27.80
N MET A 17 -5.17 -36.12 -27.15
CA MET A 17 -6.29 -35.26 -26.84
C MET A 17 -6.01 -33.87 -27.42
N LEU A 18 -6.95 -33.36 -28.20
CA LEU A 18 -6.90 -31.98 -28.68
C LEU A 18 -8.15 -31.29 -28.16
N LEU A 19 -7.95 -30.36 -27.22
CA LEU A 19 -9.02 -29.60 -26.59
C LEU A 19 -9.14 -28.22 -27.23
N THR A 20 -10.37 -27.73 -27.37
CA THR A 20 -10.61 -26.34 -27.69
C THR A 20 -11.46 -25.72 -26.59
N ALA A 21 -11.37 -24.40 -26.48
CA ALA A 21 -12.22 -23.68 -25.55
C ALA A 21 -12.25 -22.22 -26.00
N ASP A 22 -13.34 -21.53 -25.67
CA ASP A 22 -13.44 -20.14 -26.08
C ASP A 22 -12.39 -19.28 -25.40
N THR A 23 -11.96 -19.62 -24.18
CA THR A 23 -10.86 -18.91 -23.53
C THR A 23 -9.87 -19.90 -22.94
N VAL A 24 -8.59 -19.70 -23.23
CA VAL A 24 -7.53 -20.46 -22.59
C VAL A 24 -6.52 -19.48 -22.00
N LEU A 25 -6.35 -19.52 -20.69
CA LEU A 25 -5.33 -18.76 -19.99
C LEU A 25 -4.15 -19.68 -19.75
N THR A 26 -2.96 -19.27 -20.20
CA THR A 26 -1.78 -20.12 -20.14
C THR A 26 -0.89 -19.84 -18.94
N GLY A 27 -1.13 -18.75 -18.22
CA GLY A 27 -0.19 -18.27 -17.22
C GLY A 27 0.34 -16.90 -17.61
N THR A 28 0.63 -16.71 -18.89
CA THR A 28 1.14 -15.44 -19.39
C THR A 28 0.29 -14.79 -20.46
N GLU A 29 -0.57 -15.53 -21.16
CA GLU A 29 -1.43 -14.94 -22.17
C GLU A 29 -2.86 -15.43 -22.02
N LEU A 30 -3.77 -14.71 -22.67
CA LEU A 30 -5.20 -15.02 -22.71
C LEU A 30 -5.54 -15.32 -24.17
N LEU A 31 -5.86 -16.57 -24.47
CA LEU A 31 -6.08 -17.02 -25.84
C LEU A 31 -7.57 -17.14 -26.10
N ARG A 32 -8.05 -16.49 -27.14
CA ARG A 32 -9.47 -16.49 -27.42
C ARG A 32 -9.70 -16.55 -28.93
N PRO A 33 -10.20 -17.67 -29.46
CA PRO A 33 -10.32 -18.89 -28.68
C PRO A 33 -8.96 -19.57 -28.58
N GLY A 34 -8.89 -20.67 -27.86
CA GLY A 34 -7.62 -21.35 -27.65
C GLY A 34 -7.78 -22.84 -27.86
N TRP A 35 -6.63 -23.50 -27.91
CA TRP A 35 -6.62 -24.95 -28.04
C TRP A 35 -5.35 -25.48 -27.41
N LEU A 36 -5.43 -26.71 -26.91
CA LEU A 36 -4.30 -27.41 -26.34
C LEU A 36 -4.27 -28.82 -26.91
N GLU A 37 -3.10 -29.30 -27.21
CA GLU A 37 -2.92 -30.69 -27.61
C GLU A 37 -2.19 -31.41 -26.49
N ILE A 38 -2.79 -32.49 -26.02
CA ILE A 38 -2.25 -33.25 -24.90
C ILE A 38 -1.88 -34.64 -25.40
N ALA A 39 -0.65 -35.06 -25.11
CA ALA A 39 -0.20 -36.42 -25.35
C ALA A 39 0.38 -36.96 -24.06
N SER A 40 -0.21 -38.05 -23.56
CA SER A 40 0.22 -38.70 -22.33
C SER A 40 0.03 -37.71 -21.19
N ASP A 41 1.07 -37.29 -20.48
CA ASP A 41 0.92 -36.37 -19.35
C ASP A 41 1.51 -34.99 -19.62
N ARG A 42 1.78 -34.65 -20.87
CA ARG A 42 2.37 -33.36 -21.19
C ARG A 42 1.45 -32.56 -22.11
N VAL A 43 1.62 -31.25 -22.05
CA VAL A 43 1.12 -30.39 -23.11
C VAL A 43 2.16 -30.43 -24.23
N VAL A 44 1.74 -30.83 -25.42
CA VAL A 44 2.66 -30.78 -26.56
C VAL A 44 2.62 -29.42 -27.22
N ALA A 45 1.46 -28.75 -27.18
CA ALA A 45 1.29 -27.52 -27.92
C ALA A 45 0.03 -26.82 -27.44
N VAL A 46 0.07 -25.48 -27.44
CA VAL A 46 -1.09 -24.67 -27.11
C VAL A 46 -1.07 -23.45 -28.02
N GLY A 47 -2.25 -22.99 -28.43
CA GLY A 47 -2.29 -21.82 -29.27
C GLY A 47 -3.65 -21.17 -29.31
N ALA A 48 -3.70 -20.02 -29.98
CA ALA A 48 -4.92 -19.26 -30.18
C ALA A 48 -5.50 -19.52 -31.57
N GLY A 49 -6.79 -19.28 -31.70
CA GLY A 49 -7.47 -19.47 -32.97
C GLY A 49 -7.97 -20.89 -33.16
N ALA A 50 -8.13 -21.24 -34.44
CA ALA A 50 -8.59 -22.57 -34.79
C ALA A 50 -7.47 -23.59 -34.56
N PRO A 51 -7.82 -24.81 -34.14
CA PRO A 51 -6.79 -25.80 -33.77
C PRO A 51 -6.09 -26.37 -34.99
N PRO A 52 -4.88 -26.92 -34.82
CA PRO A 52 -4.13 -27.42 -35.98
C PRO A 52 -4.73 -28.69 -36.58
N ALA A 53 -5.67 -29.34 -35.92
CA ALA A 53 -6.40 -30.47 -36.48
C ALA A 53 -7.82 -30.43 -35.92
N GLN A 54 -8.62 -31.41 -36.32
CA GLN A 54 -9.96 -31.54 -35.73
C GLN A 54 -9.85 -31.85 -34.24
N ALA A 55 -10.73 -31.23 -33.47
CA ALA A 55 -10.71 -31.38 -32.03
C ALA A 55 -11.39 -32.66 -31.59
N ASP A 56 -10.91 -33.22 -30.49
CA ASP A 56 -11.62 -34.28 -29.77
C ASP A 56 -12.63 -33.72 -28.80
N ARG A 57 -12.21 -32.80 -27.93
CA ARG A 57 -13.08 -32.22 -26.92
C ARG A 57 -13.23 -30.74 -27.27
N ASN A 58 -14.45 -30.34 -27.62
CA ASN A 58 -14.81 -28.93 -27.76
C ASN A 58 -15.48 -28.55 -26.45
N LEU A 59 -14.79 -27.76 -25.63
CA LEU A 59 -15.36 -27.30 -24.36
C LEU A 59 -16.39 -26.21 -24.54
N GLY A 60 -16.36 -25.48 -25.64
CA GLY A 60 -17.36 -24.44 -25.84
C GLY A 60 -17.09 -23.23 -24.96
N ALA A 61 -18.17 -22.62 -24.46
CA ALA A 61 -18.09 -21.40 -23.66
C ALA A 61 -17.59 -21.75 -22.26
N ALA A 62 -16.34 -22.18 -22.21
CA ALA A 62 -15.64 -22.49 -20.97
C ALA A 62 -14.34 -21.71 -20.95
N THR A 63 -13.81 -21.52 -19.75
CA THR A 63 -12.50 -20.92 -19.57
C THR A 63 -11.55 -21.98 -19.04
N VAL A 64 -10.43 -22.19 -19.72
CA VAL A 64 -9.39 -23.10 -19.26
C VAL A 64 -8.28 -22.31 -18.61
N VAL A 65 -7.90 -22.72 -17.39
CA VAL A 65 -6.79 -22.12 -16.67
C VAL A 65 -5.83 -23.25 -16.28
N PRO A 66 -4.58 -22.93 -15.96
CA PRO A 66 -3.69 -23.99 -15.45
C PRO A 66 -4.19 -24.46 -14.10
N GLY A 67 -3.77 -25.66 -13.71
CA GLY A 67 -4.18 -26.17 -12.41
C GLY A 67 -3.78 -25.23 -11.29
N PHE A 68 -4.59 -25.21 -10.24
CA PHE A 68 -4.30 -24.36 -9.09
C PHE A 68 -3.20 -24.99 -8.25
N VAL A 69 -2.38 -24.11 -7.67
CA VAL A 69 -1.17 -24.49 -6.94
C VAL A 69 -1.36 -23.96 -5.52
N ASP A 70 -1.91 -24.77 -4.61
CA ASP A 70 -2.18 -24.36 -3.24
C ASP A 70 -0.96 -24.67 -2.37
N THR A 71 -0.28 -23.62 -1.92
CA THR A 71 1.00 -23.81 -1.23
C THR A 71 0.87 -23.72 0.29
N HIS A 72 -0.34 -23.70 0.81
CA HIS A 72 -0.53 -23.56 2.26
C HIS A 72 -1.95 -23.98 2.61
N LEU A 73 -2.11 -25.23 3.05
CA LEU A 73 -3.40 -25.76 3.46
C LEU A 73 -3.16 -26.90 4.45
N HIS A 74 -4.15 -27.14 5.32
CA HIS A 74 -4.01 -28.09 6.42
C HIS A 74 -4.83 -29.35 6.28
N GLY A 75 -5.75 -29.40 5.34
CA GLY A 75 -6.56 -30.59 5.13
C GLY A 75 -7.80 -30.24 4.35
N GLY A 76 -8.78 -31.13 4.44
CA GLY A 76 -10.02 -31.03 3.71
C GLY A 76 -10.72 -32.37 3.64
N GLY A 77 -12.02 -32.33 3.35
CA GLY A 77 -12.82 -33.54 3.26
C GLY A 77 -12.75 -34.41 4.50
N GLY A 78 -12.56 -33.79 5.66
CA GLY A 78 -12.41 -34.51 6.91
C GLY A 78 -10.99 -34.89 7.26
N GLY A 79 -10.04 -34.77 6.34
CA GLY A 79 -8.68 -35.20 6.60
C GLY A 79 -7.79 -34.08 7.10
N ASN A 80 -6.91 -34.43 8.03
CA ASN A 80 -5.90 -33.51 8.54
C ASN A 80 -4.52 -33.96 8.06
N PHE A 81 -3.77 -33.03 7.48
CA PHE A 81 -2.39 -33.35 7.13
C PHE A 81 -1.57 -33.65 8.38
N SER A 82 -1.89 -33.01 9.50
CA SER A 82 -1.12 -33.25 10.72
C SER A 82 -1.26 -34.68 11.23
N ALA A 83 -2.29 -35.41 10.79
CA ALA A 83 -2.41 -36.83 11.14
C ALA A 83 -1.30 -37.68 10.51
N ALA A 84 -0.83 -37.28 9.33
CA ALA A 84 0.24 -37.96 8.61
C ALA A 84 -0.08 -39.44 8.40
N THR A 85 -1.35 -39.73 8.09
CA THR A 85 -1.81 -41.08 7.74
C THR A 85 -2.31 -41.10 6.31
N ASP A 86 -2.20 -42.28 5.69
CA ASP A 86 -2.60 -42.43 4.30
C ASP A 86 -4.06 -42.05 4.09
N ASP A 87 -4.93 -42.43 5.02
CA ASP A 87 -6.36 -42.22 4.81
C ASP A 87 -6.74 -40.74 4.88
N GLU A 88 -6.18 -40.02 5.86
CA GLU A 88 -6.54 -38.61 6.01
C GLU A 88 -5.93 -37.78 4.90
N THR A 89 -4.72 -38.11 4.47
CA THR A 89 -4.12 -37.41 3.35
C THR A 89 -4.91 -37.66 2.06
N ALA A 90 -5.29 -38.92 1.82
CA ALA A 90 -6.06 -39.23 0.62
C ALA A 90 -7.36 -38.43 0.54
N ARG A 91 -8.06 -38.28 1.67
CA ARG A 91 -9.36 -37.62 1.57
C ARG A 91 -9.21 -36.10 1.46
N ALA A 92 -8.14 -35.53 2.04
CA ALA A 92 -7.85 -34.12 1.81
C ALA A 92 -7.43 -33.86 0.37
N VAL A 93 -6.49 -34.66 -0.15
CA VAL A 93 -6.04 -34.48 -1.53
C VAL A 93 -7.20 -34.66 -2.51
N ALA A 94 -8.08 -35.64 -2.26
CA ALA A 94 -9.17 -35.88 -3.20
C ALA A 94 -10.11 -34.69 -3.29
N LEU A 95 -10.43 -34.07 -2.16
CA LEU A 95 -11.36 -32.95 -2.19
C LEU A 95 -10.78 -31.76 -2.94
N HIS A 96 -9.58 -31.32 -2.56
CA HIS A 96 -8.96 -30.15 -3.18
C HIS A 96 -8.65 -30.39 -4.65
N ARG A 97 -8.23 -31.60 -4.99
CA ARG A 97 -7.98 -31.94 -6.38
C ARG A 97 -9.26 -31.86 -7.19
N ALA A 98 -10.37 -32.29 -6.58
CA ALA A 98 -11.67 -32.19 -7.23
C ALA A 98 -12.03 -30.75 -7.55
N HIS A 99 -11.48 -29.79 -6.81
CA HIS A 99 -11.78 -28.39 -7.03
C HIS A 99 -10.68 -27.67 -7.79
N GLY A 100 -9.72 -28.40 -8.36
CA GLY A 100 -8.77 -27.85 -9.31
C GLY A 100 -7.37 -27.63 -8.77
N SER A 101 -7.13 -27.91 -7.50
CA SER A 101 -5.79 -27.84 -6.93
C SER A 101 -5.01 -29.07 -7.34
N THR A 102 -4.21 -28.93 -8.40
CA THR A 102 -3.42 -30.03 -8.93
C THR A 102 -2.01 -30.10 -8.33
N THR A 103 -1.64 -29.12 -7.52
CA THR A 103 -0.38 -29.14 -6.77
C THR A 103 -0.68 -28.62 -5.38
N LEU A 104 -0.12 -29.28 -4.37
CA LEU A 104 -0.50 -29.03 -2.98
C LEU A 104 0.72 -29.12 -2.09
N VAL A 105 0.93 -28.11 -1.27
CA VAL A 105 1.95 -28.17 -0.22
C VAL A 105 1.23 -28.32 1.10
N ALA A 106 1.50 -29.42 1.78
CA ALA A 106 0.80 -29.78 3.02
C ALA A 106 1.42 -29.05 4.19
N SER A 107 0.60 -28.33 4.95
CA SER A 107 1.09 -27.51 6.04
C SER A 107 0.88 -28.21 7.38
N LEU A 108 1.87 -28.10 8.25
CA LEU A 108 1.83 -28.65 9.59
C LEU A 108 1.82 -27.52 10.61
N VAL A 109 0.88 -27.59 11.55
CA VAL A 109 0.83 -26.65 12.67
C VAL A 109 1.89 -27.00 13.70
N THR A 110 2.07 -26.11 14.68
CA THR A 110 3.05 -26.28 15.74
C THR A 110 2.85 -27.61 16.43
N ALA A 111 3.96 -28.28 16.74
CA ALA A 111 3.92 -29.59 17.38
C ALA A 111 5.22 -29.81 18.15
N GLY A 112 5.17 -30.71 19.13
CA GLY A 112 6.35 -31.09 19.87
C GLY A 112 7.39 -31.74 18.98
N PRO A 113 8.65 -31.83 19.47
CA PRO A 113 9.72 -32.35 18.60
C PRO A 113 9.45 -33.76 18.09
N GLU A 114 8.91 -34.63 18.93
CA GLU A 114 8.69 -36.03 18.55
C GLU A 114 7.60 -36.15 17.49
N ASP A 115 6.42 -35.58 17.76
CA ASP A 115 5.34 -35.60 16.78
C ASP A 115 5.75 -34.95 15.47
N LEU A 116 6.56 -33.89 15.55
CA LEU A 116 6.99 -33.19 14.35
C LEU A 116 7.79 -34.12 13.45
N LEU A 117 8.72 -34.87 14.03
CA LEU A 117 9.48 -35.83 13.23
C LEU A 117 8.57 -36.91 12.65
N ARG A 118 7.63 -37.43 13.44
CA ARG A 118 6.74 -38.45 12.89
C ARG A 118 5.87 -37.89 11.76
N GLN A 119 5.33 -36.69 11.95
CA GLN A 119 4.50 -36.07 10.93
C GLN A 119 5.29 -35.78 9.66
N VAL A 120 6.48 -35.20 9.80
CA VAL A 120 7.33 -34.94 8.64
C VAL A 120 7.68 -36.24 7.92
N SER A 121 8.08 -37.28 8.67
CA SER A 121 8.38 -38.56 8.02
C SER A 121 7.16 -39.13 7.33
N GLY A 122 6.00 -39.07 7.98
CA GLY A 122 4.79 -39.60 7.39
C GLY A 122 4.35 -38.86 6.15
N LEU A 123 4.45 -37.52 6.16
CA LEU A 123 4.08 -36.76 4.97
C LEU A 123 5.10 -36.96 3.84
N ALA A 124 6.39 -36.99 4.17
CA ALA A 124 7.45 -37.18 3.18
C ALA A 124 7.20 -38.44 2.34
N ARG A 125 6.65 -39.47 2.95
CA ARG A 125 6.27 -40.67 2.19
C ARG A 125 5.17 -40.35 1.18
N GLN A 126 4.21 -39.52 1.56
CA GLN A 126 3.13 -39.18 0.65
C GLN A 126 3.57 -38.20 -0.43
N VAL A 127 4.57 -37.35 -0.17
CA VAL A 127 5.21 -36.63 -1.26
C VAL A 127 5.79 -37.61 -2.28
N ARG A 128 6.70 -38.48 -1.82
CA ARG A 128 7.29 -39.47 -2.72
C ARG A 128 6.24 -40.27 -3.47
N ALA A 129 5.10 -40.55 -2.82
CA ALA A 129 4.00 -41.25 -3.49
C ALA A 129 3.24 -40.35 -4.46
N GLY A 130 3.39 -39.03 -4.38
CA GLY A 130 2.74 -38.15 -5.35
C GLY A 130 1.43 -37.53 -4.90
N LEU A 131 0.95 -37.88 -3.71
CA LEU A 131 -0.32 -37.34 -3.22
C LEU A 131 -0.21 -35.85 -2.94
N ILE A 132 0.88 -35.43 -2.29
CA ILE A 132 1.17 -34.03 -2.03
C ILE A 132 2.51 -33.72 -2.65
N ASP A 133 2.81 -32.43 -2.77
CA ASP A 133 4.01 -32.03 -3.50
C ASP A 133 5.09 -31.47 -2.59
N GLY A 134 4.82 -31.31 -1.31
CA GLY A 134 5.82 -30.78 -0.40
C GLY A 134 5.18 -30.57 0.96
N ILE A 135 6.03 -30.21 1.90
CA ILE A 135 5.63 -29.98 3.28
C ILE A 135 5.94 -28.54 3.65
N HIS A 136 5.00 -27.90 4.34
CA HIS A 136 5.21 -26.57 4.92
C HIS A 136 5.15 -26.71 6.43
N LEU A 137 6.21 -26.27 7.12
CA LEU A 137 6.20 -26.23 8.59
C LEU A 137 5.78 -24.84 9.04
N GLU A 138 4.53 -24.69 9.46
CA GLU A 138 4.02 -23.46 10.08
C GLU A 138 4.07 -23.66 11.59
N GLY A 139 5.17 -23.27 12.19
CA GLY A 139 5.45 -23.66 13.54
C GLY A 139 6.43 -24.79 13.52
N PRO A 140 7.10 -25.04 14.65
CA PRO A 140 6.86 -24.46 15.97
C PRO A 140 7.55 -23.13 16.26
N TRP A 141 8.25 -22.56 15.28
CA TRP A 141 9.19 -21.47 15.56
C TRP A 141 8.53 -20.09 15.35
N LEU A 142 7.43 -19.90 16.09
CA LEU A 142 6.50 -18.79 15.93
C LEU A 142 6.37 -18.00 17.23
N SER A 143 5.64 -16.88 17.16
CA SER A 143 5.38 -16.01 18.30
C SER A 143 4.14 -16.48 19.07
N THR A 144 4.25 -16.55 20.40
CA THR A 144 3.10 -16.88 21.24
C THR A 144 2.07 -15.77 21.28
N LEU A 145 2.46 -14.53 20.95
CA LEU A 145 1.50 -13.43 20.90
C LEU A 145 0.59 -13.52 19.69
N ARG A 146 1.01 -14.27 18.66
CA ARG A 146 0.25 -14.50 17.43
C ARG A 146 0.16 -16.02 17.22
N CYS A 147 -0.62 -16.68 18.08
CA CYS A 147 -0.71 -18.13 17.95
C CYS A 147 -1.93 -18.52 17.13
N GLY A 148 -3.11 -18.01 17.49
CA GLY A 148 -4.31 -18.40 16.81
C GLY A 148 -4.61 -19.86 17.07
N ALA A 149 -4.82 -20.62 16.00
CA ALA A 149 -5.17 -22.04 16.09
C ALA A 149 -3.98 -22.94 16.41
N HIS A 150 -2.92 -22.40 17.00
CA HIS A 150 -1.75 -23.16 17.42
C HIS A 150 -1.72 -23.28 18.94
N GLN A 151 -1.01 -24.31 19.42
CA GLN A 151 -0.77 -24.48 20.85
C GLN A 151 0.45 -23.67 21.24
N PRO A 152 0.27 -22.50 21.87
CA PRO A 152 1.43 -21.63 22.13
C PRO A 152 2.48 -22.29 23.01
N VAL A 153 2.08 -23.24 23.86
CA VAL A 153 3.01 -23.86 24.80
C VAL A 153 4.14 -24.57 24.04
N LEU A 154 3.86 -25.04 22.84
CA LEU A 154 4.84 -25.81 22.09
C LEU A 154 5.78 -24.96 21.26
N MET A 155 5.45 -23.68 21.04
CA MET A 155 6.33 -22.83 20.26
C MET A 155 7.67 -22.68 20.97
N ARG A 156 8.75 -22.65 20.19
CA ARG A 156 10.10 -22.58 20.75
C ARG A 156 11.01 -21.81 19.81
N ASP A 157 12.12 -21.33 20.37
CA ASP A 157 13.18 -20.75 19.55
C ASP A 157 13.66 -21.77 18.52
N PRO A 158 14.04 -21.32 17.32
CA PRO A 158 14.55 -22.26 16.32
C PRO A 158 15.97 -22.72 16.66
N ASP A 159 16.11 -24.00 16.85
CA ASP A 159 17.38 -24.59 17.23
C ASP A 159 18.01 -25.28 16.03
N PRO A 160 19.24 -24.95 15.65
CA PRO A 160 19.80 -25.49 14.40
C PRO A 160 19.99 -27.00 14.43
N GLY A 161 20.07 -27.60 15.61
CA GLY A 161 20.06 -29.05 15.69
C GLY A 161 18.71 -29.64 15.33
N GLU A 162 17.62 -29.09 15.89
CA GLU A 162 16.30 -29.61 15.55
C GLU A 162 15.94 -29.34 14.09
N ILE A 163 16.32 -28.18 13.57
CA ILE A 163 16.02 -27.89 12.18
C ILE A 163 16.67 -28.94 11.28
N GLY A 164 17.95 -29.23 11.53
CA GLY A 164 18.63 -30.27 10.76
C GLY A 164 17.96 -31.62 10.90
N ARG A 165 17.57 -31.99 12.12
CA ARG A 165 16.88 -33.27 12.32
C ARG A 165 15.57 -33.32 11.56
N VAL A 166 14.80 -32.23 11.56
CA VAL A 166 13.53 -32.21 10.86
C VAL A 166 13.74 -32.25 9.35
N LEU A 167 14.71 -31.48 8.83
CA LEU A 167 14.98 -31.52 7.41
C LEU A 167 15.49 -32.88 6.97
N ASP A 168 16.32 -33.51 7.80
CA ASP A 168 16.78 -34.87 7.50
C ASP A 168 15.60 -35.82 7.38
N ALA A 169 14.62 -35.69 8.27
CA ALA A 169 13.49 -36.60 8.27
C ALA A 169 12.65 -36.48 7.00
N GLY A 170 12.55 -35.28 6.44
CA GLY A 170 11.76 -35.08 5.25
C GLY A 170 12.44 -35.46 3.95
N GLU A 171 13.76 -35.66 3.98
CA GLU A 171 14.53 -36.12 2.81
C GLU A 171 14.34 -35.21 1.61
N GLY A 172 14.38 -33.90 1.86
CA GLY A 172 14.20 -32.93 0.79
C GLY A 172 12.78 -32.57 0.45
N THR A 173 11.80 -33.06 1.21
CA THR A 173 10.41 -32.79 0.86
C THR A 173 9.84 -31.59 1.63
N VAL A 174 10.49 -31.13 2.68
CA VAL A 174 10.09 -29.88 3.33
C VAL A 174 10.47 -28.73 2.41
N ARG A 175 9.46 -28.00 1.93
CA ARG A 175 9.65 -26.93 0.97
C ARG A 175 9.64 -25.54 1.60
N MET A 176 8.92 -25.37 2.70
CA MET A 176 8.78 -24.04 3.28
C MET A 176 8.62 -24.17 4.79
N VAL A 177 9.24 -23.25 5.52
CA VAL A 177 9.12 -23.15 6.97
C VAL A 177 8.79 -21.70 7.32
N THR A 178 7.76 -21.49 8.12
CA THR A 178 7.43 -20.17 8.63
C THR A 178 8.23 -19.87 9.90
N ILE A 179 8.78 -18.66 9.97
CA ILE A 179 9.65 -18.20 11.05
C ILE A 179 9.12 -16.87 11.57
N ALA A 180 9.08 -16.75 12.91
CA ALA A 180 8.85 -15.45 13.55
C ALA A 180 10.20 -14.75 13.70
N PRO A 181 10.45 -13.66 12.97
CA PRO A 181 11.81 -13.08 12.93
C PRO A 181 12.29 -12.49 14.24
N GLU A 182 11.45 -12.38 15.27
CA GLU A 182 11.86 -11.76 16.53
C GLU A 182 12.38 -12.78 17.55
N ARG A 183 12.32 -14.07 17.25
CA ARG A 183 12.83 -15.07 18.17
C ARG A 183 14.35 -15.17 18.07
N ASP A 184 14.98 -15.45 19.22
CA ASP A 184 16.43 -15.62 19.24
C ASP A 184 16.85 -16.76 18.31
N GLY A 185 17.85 -16.50 17.49
CA GLY A 185 18.29 -17.47 16.50
C GLY A 185 17.42 -17.55 15.26
N ALA A 186 16.49 -16.61 15.07
CA ALA A 186 15.63 -16.64 13.88
C ALA A 186 16.42 -16.32 12.62
N LEU A 187 17.35 -15.36 12.70
CA LEU A 187 18.10 -14.95 11.50
C LEU A 187 19.12 -16.00 11.09
N ALA A 188 19.70 -16.69 12.07
CA ALA A 188 20.53 -17.84 11.73
C ALA A 188 19.68 -18.95 11.11
N ALA A 189 18.50 -19.20 11.69
CA ALA A 189 17.65 -20.28 11.20
C ALA A 189 17.20 -20.02 9.77
N ILE A 190 16.93 -18.76 9.43
CA ILE A 190 16.58 -18.42 8.06
C ILE A 190 17.73 -18.75 7.11
N ALA A 191 18.95 -18.34 7.47
CA ALA A 191 20.11 -18.69 6.65
C ALA A 191 20.28 -20.19 6.56
N GLN A 192 20.01 -20.91 7.66
CA GLN A 192 20.17 -22.35 7.64
C GLN A 192 19.16 -23.00 6.71
N LEU A 193 17.92 -22.50 6.72
CA LEU A 193 16.90 -23.06 5.83
C LEU A 193 17.24 -22.81 4.37
N VAL A 194 17.65 -21.59 4.04
CA VAL A 194 17.93 -21.24 2.66
C VAL A 194 19.15 -21.98 2.13
N ASN A 195 20.09 -22.34 3.02
CA ASN A 195 21.20 -23.18 2.60
C ASN A 195 20.76 -24.61 2.32
N ALA A 196 19.71 -25.09 2.99
CA ALA A 196 19.16 -26.41 2.70
C ALA A 196 18.21 -26.42 1.52
N GLY A 197 18.08 -25.30 0.80
CA GLY A 197 17.14 -25.17 -0.29
C GLY A 197 15.68 -25.04 0.11
N VAL A 198 15.40 -24.65 1.36
CA VAL A 198 14.04 -24.51 1.87
C VAL A 198 13.65 -23.05 1.82
N VAL A 199 12.40 -22.78 1.42
CA VAL A 199 11.89 -21.41 1.44
C VAL A 199 11.65 -20.98 2.88
N ALA A 200 12.18 -19.81 3.25
CA ALA A 200 11.94 -19.23 4.56
C ALA A 200 10.82 -18.19 4.45
N ALA A 201 9.76 -18.37 5.24
CA ALA A 201 8.63 -17.47 5.24
C ALA A 201 8.49 -16.79 6.59
N VAL A 202 8.05 -15.54 6.57
CA VAL A 202 7.79 -14.76 7.77
C VAL A 202 6.30 -14.81 8.09
N GLY A 203 5.95 -15.18 9.32
CA GLY A 203 4.55 -15.15 9.71
C GLY A 203 4.42 -15.41 11.19
N HIS A 204 3.20 -15.28 11.70
CA HIS A 204 2.89 -15.55 13.11
C HIS A 204 3.90 -14.84 14.02
N THR A 205 3.96 -13.52 13.84
CA THR A 205 5.09 -12.75 14.33
C THR A 205 4.63 -11.38 14.82
N GLU A 206 5.26 -10.93 15.91
CA GLU A 206 5.17 -9.56 16.38
C GLU A 206 6.40 -8.74 16.00
N ALA A 207 7.21 -9.25 15.06
CA ALA A 207 8.40 -8.53 14.59
C ALA A 207 8.07 -7.10 14.21
N THR A 208 9.06 -6.23 14.38
CA THR A 208 8.96 -4.88 13.85
C THR A 208 9.28 -4.86 12.36
N TYR A 209 9.04 -3.71 11.75
CA TYR A 209 9.52 -3.44 10.41
C TYR A 209 11.01 -3.80 10.28
N ASP A 210 11.82 -3.37 11.25
CA ASP A 210 13.26 -3.54 11.14
C ASP A 210 13.66 -5.01 11.25
N GLN A 211 12.99 -5.75 12.13
CA GLN A 211 13.28 -7.18 12.30
C GLN A 211 12.81 -7.98 11.11
N THR A 212 11.69 -7.60 10.50
CA THR A 212 11.23 -8.28 9.29
C THR A 212 12.15 -7.97 8.13
N ARG A 213 12.57 -6.72 8.01
CA ARG A 213 13.54 -6.35 6.99
C ARG A 213 14.83 -7.15 7.14
N ALA A 214 15.27 -7.37 8.38
CA ALA A 214 16.48 -8.19 8.60
C ALA A 214 16.25 -9.63 8.14
N ALA A 215 15.10 -10.21 8.46
CA ALA A 215 14.78 -11.56 8.02
C ALA A 215 14.78 -11.67 6.50
N ILE A 216 14.26 -10.66 5.80
CA ILE A 216 14.24 -10.65 4.34
C ILE A 216 15.67 -10.62 3.80
N ASP A 217 16.52 -9.79 4.39
CA ASP A 217 17.91 -9.74 3.95
C ASP A 217 18.66 -11.03 4.29
N ALA A 218 18.25 -11.74 5.34
CA ALA A 218 18.81 -13.05 5.64
C ALA A 218 18.31 -14.12 4.68
N GLY A 219 17.31 -13.82 3.85
CA GLY A 219 16.87 -14.74 2.82
C GLY A 219 15.43 -15.22 2.88
N ALA A 220 14.61 -14.66 3.75
CA ALA A 220 13.18 -14.97 3.71
C ALA A 220 12.59 -14.40 2.42
N THR A 221 11.76 -15.20 1.74
CA THR A 221 11.17 -14.80 0.48
C THR A 221 9.66 -14.91 0.37
N VAL A 222 8.96 -15.30 1.44
CA VAL A 222 7.51 -15.48 1.43
C VAL A 222 6.92 -14.86 2.69
N GLY A 223 5.80 -14.16 2.54
CA GLY A 223 5.01 -13.72 3.67
C GLY A 223 3.84 -14.64 3.92
N THR A 224 3.83 -15.30 5.09
CA THR A 224 2.75 -16.22 5.43
C THR A 224 1.47 -15.46 5.76
N HIS A 225 0.37 -15.83 5.05
CA HIS A 225 -0.90 -15.12 4.98
C HIS A 225 -0.85 -13.70 5.56
N LEU A 226 -0.32 -12.80 4.76
CA LEU A 226 -0.22 -11.37 5.08
C LEU A 226 -1.47 -10.87 5.78
N PHE A 227 -1.26 -10.16 6.88
CA PHE A 227 -2.22 -9.48 7.74
C PHE A 227 -2.91 -10.40 8.73
N ASN A 228 -2.70 -11.71 8.64
CA ASN A 228 -3.27 -12.65 9.61
C ASN A 228 -2.15 -13.13 10.51
N ALA A 229 -2.41 -13.14 11.82
CA ALA A 229 -1.39 -13.50 12.82
C ALA A 229 -0.13 -12.69 12.61
N MET A 230 -0.33 -11.40 12.36
CA MET A 230 0.73 -10.48 11.98
C MET A 230 0.44 -9.16 12.66
N ARG A 231 1.48 -8.54 13.20
CA ARG A 231 1.36 -7.22 13.76
C ARG A 231 0.78 -6.26 12.71
N PRO A 232 -0.21 -5.44 13.05
CA PRO A 232 -0.82 -4.54 12.06
C PRO A 232 0.12 -3.42 11.61
N ILE A 233 -0.29 -2.77 10.53
CA ILE A 233 0.41 -1.59 10.05
C ILE A 233 0.04 -0.42 10.94
N ASP A 234 1.05 0.29 11.42
CA ASP A 234 0.87 1.49 12.23
C ASP A 234 1.76 2.57 11.65
N ARG A 235 1.35 3.84 11.82
CA ARG A 235 2.01 4.93 11.11
C ARG A 235 3.44 5.16 11.57
N ARG A 236 3.75 4.86 12.83
CA ARG A 236 5.11 4.97 13.34
C ARG A 236 5.88 3.66 13.34
N GLU A 237 5.22 2.52 13.50
CA GLU A 237 5.85 1.19 13.42
C GLU A 237 5.16 0.44 12.28
N PRO A 238 5.72 0.46 11.06
CA PRO A 238 5.00 -0.15 9.93
C PRO A 238 4.72 -1.63 10.13
N GLY A 239 5.59 -2.36 10.82
CA GLY A 239 5.35 -3.76 11.09
C GLY A 239 5.77 -4.64 9.94
N PRO A 240 5.53 -5.96 10.07
CA PRO A 240 6.06 -6.87 9.03
C PRO A 240 5.40 -6.70 7.67
N ALA A 241 4.11 -6.32 7.62
CA ALA A 241 3.42 -6.32 6.33
C ALA A 241 4.04 -5.34 5.35
N VAL A 242 4.57 -4.21 5.85
CA VAL A 242 5.19 -3.22 4.99
C VAL A 242 6.58 -3.67 4.57
N ALA A 243 7.35 -4.22 5.50
CA ALA A 243 8.64 -4.80 5.10
C ALA A 243 8.46 -5.84 4.00
N LEU A 244 7.43 -6.69 4.13
CA LEU A 244 7.25 -7.77 3.15
C LEU A 244 6.77 -7.26 1.80
N THR A 245 5.87 -6.25 1.79
CA THR A 245 5.38 -5.74 0.51
C THR A 245 6.40 -4.84 -0.17
N GLU A 246 7.30 -4.24 0.60
CA GLU A 246 8.31 -3.34 0.04
C GLU A 246 9.34 -4.06 -0.80
N ASP A 247 9.72 -5.29 -0.43
CA ASP A 247 10.89 -5.94 -1.02
C ASP A 247 10.46 -6.85 -2.16
N SER A 248 11.00 -6.59 -3.36
CA SER A 248 10.54 -7.32 -4.52
C SER A 248 10.97 -8.79 -4.51
N ARG A 249 11.85 -9.20 -3.59
CA ARG A 249 12.20 -10.61 -3.51
C ARG A 249 11.14 -11.45 -2.81
N VAL A 250 10.12 -10.82 -2.23
CA VAL A 250 9.15 -11.51 -1.39
C VAL A 250 7.86 -11.71 -2.18
N THR A 251 7.31 -12.92 -2.10
CA THR A 251 5.95 -13.21 -2.58
C THR A 251 5.06 -13.33 -1.36
N VAL A 252 4.03 -12.49 -1.26
CA VAL A 252 3.16 -12.51 -0.08
C VAL A 252 1.97 -13.44 -0.33
N GLU A 253 1.61 -14.21 0.70
CA GLU A 253 0.41 -15.04 0.65
C GLU A 253 -0.78 -14.19 1.12
N MET A 254 -1.95 -14.47 0.58
CA MET A 254 -3.14 -13.89 1.17
C MET A 254 -4.30 -14.86 1.06
N ILE A 255 -5.07 -14.97 2.14
CA ILE A 255 -6.31 -15.76 2.13
C ILE A 255 -7.45 -14.83 1.74
N VAL A 256 -7.96 -15.01 0.52
CA VAL A 256 -9.07 -14.22 0.01
C VAL A 256 -10.31 -15.11 -0.03
N ASP A 257 -10.75 -15.53 1.15
CA ASP A 257 -12.00 -16.26 1.30
C ASP A 257 -13.13 -15.33 1.72
N GLY A 258 -12.85 -14.05 1.85
CA GLY A 258 -13.82 -13.08 2.33
C GLY A 258 -13.95 -13.00 3.82
N VAL A 259 -13.25 -13.84 4.58
CA VAL A 259 -13.32 -13.85 6.04
C VAL A 259 -12.04 -13.34 6.67
N HIS A 260 -10.88 -13.77 6.15
CA HIS A 260 -9.63 -13.47 6.82
C HIS A 260 -9.20 -12.01 6.68
N VAL A 261 -9.32 -11.44 5.49
CA VAL A 261 -8.98 -10.04 5.28
C VAL A 261 -10.07 -9.42 4.43
N ALA A 262 -10.28 -8.11 4.61
CA ALA A 262 -11.26 -7.40 3.82
C ALA A 262 -10.85 -7.40 2.35
N PRO A 263 -11.79 -7.57 1.42
CA PRO A 263 -11.41 -7.53 0.00
C PRO A 263 -10.62 -6.29 -0.40
N ALA A 264 -10.93 -5.12 0.21
CA ALA A 264 -10.18 -3.91 -0.07
C ALA A 264 -8.71 -4.05 0.33
N ILE A 265 -8.41 -4.89 1.31
CA ILE A 265 -7.01 -5.14 1.68
C ILE A 265 -6.32 -5.94 0.59
N TYR A 266 -6.99 -6.99 0.11
CA TYR A 266 -6.49 -7.77 -1.03
C TYR A 266 -6.19 -6.85 -2.20
N ARG A 267 -7.15 -5.95 -2.51
CA ARG A 267 -6.98 -5.01 -3.59
C ARG A 267 -5.81 -4.08 -3.34
N HIS A 268 -5.68 -3.59 -2.11
CA HIS A 268 -4.61 -2.66 -1.76
C HIS A 268 -3.23 -3.30 -1.93
N ILE A 269 -3.08 -4.53 -1.45
CA ILE A 269 -1.79 -5.19 -1.54
C ILE A 269 -1.46 -5.50 -2.98
N THR A 270 -2.44 -5.98 -3.75
CA THR A 270 -2.20 -6.25 -5.17
C THR A 270 -1.71 -4.99 -5.88
N GLN A 271 -2.36 -3.85 -5.61
CA GLN A 271 -1.90 -2.55 -6.09
C GLN A 271 -0.44 -2.31 -5.72
N THR A 272 -0.09 -2.61 -4.47
CA THR A 272 1.25 -2.30 -3.96
C THR A 272 2.31 -3.22 -4.56
N VAL A 273 2.08 -4.54 -4.57
CA VAL A 273 3.16 -5.45 -4.94
C VAL A 273 3.17 -5.83 -6.41
N GLY A 274 2.10 -5.59 -7.15
CA GLY A 274 2.03 -5.90 -8.55
C GLY A 274 1.59 -7.33 -8.84
N PRO A 275 1.48 -7.68 -10.12
CA PRO A 275 0.88 -8.97 -10.51
C PRO A 275 1.71 -10.21 -10.15
N GLU A 276 3.00 -10.08 -9.91
CA GLU A 276 3.84 -11.25 -9.75
C GLU A 276 4.17 -11.57 -8.29
N ARG A 277 3.69 -10.77 -7.35
CA ARG A 277 4.22 -10.85 -5.99
C ARG A 277 3.19 -11.26 -4.96
N LEU A 278 2.00 -11.69 -5.38
CA LEU A 278 1.01 -12.19 -4.43
C LEU A 278 0.61 -13.60 -4.81
N SER A 279 0.52 -14.46 -3.80
CA SER A 279 0.05 -15.84 -3.96
C SER A 279 -1.28 -16.00 -3.24
N LEU A 280 -2.28 -16.53 -3.94
CA LEU A 280 -3.50 -16.92 -3.27
C LEU A 280 -3.30 -18.29 -2.62
N ILE A 281 -3.76 -18.43 -1.38
CA ILE A 281 -3.72 -19.68 -0.64
C ILE A 281 -5.10 -19.91 -0.04
N THR A 282 -5.34 -21.13 0.44
CA THR A 282 -6.59 -21.38 1.16
C THR A 282 -6.41 -21.39 2.68
N ALA A 283 -5.29 -21.92 3.17
CA ALA A 283 -5.16 -22.33 4.59
C ALA A 283 -6.33 -23.22 5.01
N ALA A 284 -6.81 -24.03 4.07
CA ALA A 284 -7.99 -24.85 4.31
C ALA A 284 -7.80 -25.80 5.49
N MET A 285 -8.81 -25.88 6.34
CA MET A 285 -8.76 -26.87 7.41
CA MET A 285 -8.88 -26.81 7.46
C MET A 285 -9.58 -28.09 7.03
N ALA A 286 -9.58 -29.08 7.92
CA ALA A 286 -10.16 -30.38 7.58
C ALA A 286 -11.66 -30.31 7.33
N ALA A 287 -12.34 -29.25 7.77
CA ALA A 287 -13.77 -29.14 7.53
C ALA A 287 -14.13 -28.64 6.13
N THR A 288 -13.16 -28.16 5.36
CA THR A 288 -13.41 -27.77 3.97
C THR A 288 -14.08 -28.92 3.24
N GLY A 289 -15.26 -28.65 2.67
CA GLY A 289 -16.03 -29.65 1.97
C GLY A 289 -16.99 -30.45 2.81
N MET A 290 -16.90 -30.39 4.13
CA MET A 290 -17.78 -31.16 5.00
C MET A 290 -18.98 -30.30 5.42
N SER A 291 -19.67 -30.72 6.48
CA SER A 291 -20.75 -29.94 7.08
C SER A 291 -20.24 -29.23 8.34
N ASP A 292 -21.08 -28.38 8.90
CA ASP A 292 -20.70 -27.63 10.10
C ASP A 292 -20.52 -28.57 11.29
N GLY A 293 -19.99 -28.03 12.38
CA GLY A 293 -19.77 -28.78 13.60
C GLY A 293 -18.40 -28.48 14.19
N VAL A 294 -17.98 -29.33 15.12
CA VAL A 294 -16.70 -29.18 15.82
C VAL A 294 -15.68 -30.09 15.18
N TYR A 295 -14.47 -29.57 14.96
CA TYR A 295 -13.43 -30.31 14.26
C TYR A 295 -12.11 -30.31 15.02
N ARG A 296 -11.05 -30.79 14.37
CA ARG A 296 -9.71 -30.88 14.95
C ARG A 296 -8.70 -30.26 14.00
N LEU A 297 -7.80 -29.43 14.55
CA LEU A 297 -6.64 -28.93 13.83
C LEU A 297 -5.43 -29.14 14.74
N GLY A 298 -4.55 -30.07 14.37
CA GLY A 298 -3.47 -30.46 15.24
C GLY A 298 -4.02 -30.93 16.58
N PRO A 299 -3.65 -30.24 17.66
CA PRO A 299 -4.18 -30.59 18.99
C PRO A 299 -5.25 -29.63 19.50
N LEU A 300 -6.09 -29.08 18.61
CA LEU A 300 -7.08 -28.08 18.97
C LEU A 300 -8.46 -28.45 18.43
N ASP A 301 -9.50 -27.98 19.12
CA ASP A 301 -10.87 -28.18 18.70
C ASP A 301 -11.41 -26.91 18.05
N ILE A 302 -12.00 -27.05 16.87
CA ILE A 302 -12.38 -25.94 16.01
C ILE A 302 -13.87 -26.04 15.71
N ASP A 303 -14.63 -25.01 16.08
CA ASP A 303 -16.07 -24.96 15.82
C ASP A 303 -16.32 -24.23 14.50
N VAL A 304 -16.87 -24.96 13.51
CA VAL A 304 -17.19 -24.39 12.21
C VAL A 304 -18.67 -24.05 12.20
N VAL A 305 -18.99 -22.76 12.11
CA VAL A 305 -20.37 -22.27 12.11
C VAL A 305 -20.59 -21.49 10.82
N ALA A 306 -21.49 -22.00 9.97
CA ALA A 306 -21.74 -21.44 8.63
C ALA A 306 -20.46 -21.43 7.77
N GLY A 307 -19.65 -22.47 7.92
CA GLY A 307 -18.39 -22.56 7.20
C GLY A 307 -17.29 -21.65 7.69
N VAL A 308 -17.47 -21.01 8.85
CA VAL A 308 -16.48 -20.11 9.44
C VAL A 308 -15.82 -20.85 10.60
N ALA A 309 -14.55 -21.21 10.43
CA ALA A 309 -13.80 -21.95 11.43
C ALA A 309 -13.37 -21.02 12.56
N ARG A 310 -13.64 -21.44 13.79
CA ARG A 310 -13.25 -20.69 14.98
C ARG A 310 -12.68 -21.65 16.01
N VAL A 311 -11.58 -21.26 16.65
CA VAL A 311 -11.05 -22.05 17.76
C VAL A 311 -12.11 -22.14 18.84
N ALA A 312 -12.43 -23.37 19.26
CA ALA A 312 -13.53 -23.64 20.19
C ALA A 312 -13.47 -22.74 21.42
N GLY A 313 -14.39 -21.79 21.49
CA GLY A 313 -14.55 -20.96 22.66
C GLY A 313 -13.94 -19.57 22.61
N THR A 314 -13.76 -18.99 21.42
CA THR A 314 -13.22 -17.64 21.27
C THR A 314 -13.91 -16.96 20.10
N ASP A 315 -13.28 -15.88 19.60
CA ASP A 315 -13.66 -15.21 18.38
C ASP A 315 -12.59 -15.34 17.30
N THR A 316 -11.54 -16.12 17.57
CA THR A 316 -10.38 -16.19 16.69
C THR A 316 -10.65 -17.13 15.53
N ILE A 317 -10.66 -16.60 14.31
CA ILE A 317 -10.77 -17.47 13.14
C ILE A 317 -9.52 -18.33 13.06
N ALA A 318 -9.73 -19.63 12.80
CA ALA A 318 -8.68 -20.64 12.93
C ALA A 318 -8.21 -21.22 11.61
N GLY A 319 -8.67 -20.65 10.49
CA GLY A 319 -8.38 -21.17 9.17
C GLY A 319 -9.61 -21.08 8.30
N SER A 320 -9.48 -21.33 7.00
CA SER A 320 -10.61 -21.21 6.10
C SER A 320 -11.24 -22.58 5.84
N THR A 321 -12.42 -22.55 5.25
CA THR A 321 -13.02 -23.74 4.64
C THR A 321 -13.10 -23.58 3.11
N ALA A 322 -12.14 -22.87 2.53
CA ALA A 322 -12.17 -22.53 1.12
C ALA A 322 -11.26 -23.47 0.32
N THR A 323 -11.64 -23.70 -0.93
CA THR A 323 -10.75 -24.36 -1.89
C THR A 323 -10.19 -23.30 -2.82
N MET A 324 -9.16 -23.69 -3.59
CA MET A 324 -8.57 -22.74 -4.52
C MET A 324 -9.59 -22.23 -5.52
N GLU A 325 -10.57 -23.06 -5.89
CA GLU A 325 -11.62 -22.61 -6.80
C GLU A 325 -12.37 -21.41 -6.21
N GLN A 326 -12.59 -21.42 -4.88
CA GLN A 326 -13.35 -20.33 -4.30
C GLN A 326 -12.52 -19.06 -4.18
N VAL A 327 -11.25 -19.18 -3.79
CA VAL A 327 -10.46 -17.96 -3.66
C VAL A 327 -10.13 -17.40 -5.03
N PHE A 328 -9.98 -18.25 -6.04
CA PHE A 328 -9.81 -17.76 -7.42
C PHE A 328 -11.00 -16.90 -7.82
N ARG A 329 -12.22 -17.39 -7.60
CA ARG A 329 -13.42 -16.65 -7.98
C ARG A 329 -13.50 -15.32 -7.25
N LEU A 330 -13.16 -15.31 -5.97
CA LEU A 330 -13.22 -14.09 -5.18
C LEU A 330 -12.11 -13.12 -5.57
N ALA A 331 -10.92 -13.62 -5.88
CA ALA A 331 -9.88 -12.76 -6.41
C ALA A 331 -10.35 -12.06 -7.68
N VAL A 332 -10.98 -12.80 -8.60
CA VAL A 332 -11.45 -12.21 -9.84
C VAL A 332 -12.48 -11.12 -9.55
N ALA A 333 -13.42 -11.39 -8.64
CA ALA A 333 -14.49 -10.44 -8.35
C ALA A 333 -13.98 -9.19 -7.66
N HIS A 334 -13.01 -9.34 -6.75
CA HIS A 334 -12.61 -8.27 -5.85
C HIS A 334 -11.31 -7.59 -6.23
N CYS A 335 -10.66 -7.99 -7.31
CA CYS A 335 -9.38 -7.33 -7.58
C CYS A 335 -9.56 -5.95 -8.20
N GLY A 336 -10.77 -5.57 -8.58
CA GLY A 336 -11.01 -4.25 -9.10
C GLY A 336 -10.62 -4.02 -10.54
N LEU A 337 -10.23 -5.08 -11.27
CA LEU A 337 -9.83 -4.95 -12.67
C LEU A 337 -10.97 -5.38 -13.58
N PRO A 338 -10.96 -4.96 -14.84
CA PRO A 338 -11.90 -5.53 -15.80
C PRO A 338 -11.67 -7.02 -15.96
N ARG A 339 -12.73 -7.72 -16.39
CA ARG A 339 -12.84 -9.17 -16.27
C ARG A 339 -11.63 -9.91 -16.85
N ASP A 340 -11.25 -9.59 -18.10
CA ASP A 340 -10.12 -10.28 -18.71
C ASP A 340 -8.84 -10.04 -17.91
N ASP A 341 -8.58 -8.79 -17.54
CA ASP A 341 -7.39 -8.51 -16.74
C ASP A 341 -7.49 -9.18 -15.39
N ALA A 342 -8.70 -9.24 -14.81
CA ALA A 342 -8.90 -9.96 -13.56
C ALA A 342 -8.57 -11.45 -13.68
N LEU A 343 -8.98 -12.08 -14.77
CA LEU A 343 -8.67 -13.49 -14.99
C LEU A 343 -7.17 -13.70 -15.09
N SER A 344 -6.50 -12.83 -15.85
CA SER A 344 -5.05 -12.92 -16.01
C SER A 344 -4.34 -12.75 -14.68
N LEU A 345 -4.75 -11.76 -13.90
CA LEU A 345 -4.14 -11.55 -12.59
C LEU A 345 -4.36 -12.76 -11.69
N ALA A 346 -5.60 -13.25 -11.60
CA ALA A 346 -5.91 -14.33 -10.67
C ALA A 346 -5.18 -15.62 -11.03
N VAL A 347 -4.93 -15.84 -12.33
CA VAL A 347 -4.16 -16.99 -12.75
C VAL A 347 -2.72 -16.85 -12.30
N ARG A 348 -2.14 -15.64 -12.40
CA ARG A 348 -0.80 -15.45 -11.85
C ARG A 348 -0.78 -15.73 -10.35
N GLN A 349 -1.81 -15.25 -9.63
CA GLN A 349 -1.84 -15.39 -8.18
C GLN A 349 -2.16 -16.81 -7.72
N ALA A 350 -2.96 -17.56 -8.48
CA ALA A 350 -3.39 -18.88 -8.04
C ALA A 350 -2.57 -19.99 -8.68
N CYS A 351 -1.76 -19.70 -9.69
CA CYS A 351 -1.01 -20.76 -10.38
C CYS A 351 0.46 -20.42 -10.50
N VAL A 352 0.78 -19.29 -11.11
CA VAL A 352 2.16 -18.98 -11.48
C VAL A 352 2.98 -18.54 -10.27
N ASN A 353 2.53 -17.50 -9.59
CA ASN A 353 3.31 -16.96 -8.47
C ASN A 353 3.59 -17.97 -7.38
N PRO A 354 2.62 -18.78 -6.90
CA PRO A 354 2.97 -19.73 -5.82
C PRO A 354 3.93 -20.82 -6.24
N ALA A 355 3.82 -21.31 -7.48
CA ALA A 355 4.75 -22.34 -7.92
C ALA A 355 6.15 -21.78 -8.05
N ARG A 356 6.25 -20.53 -8.53
CA ARG A 356 7.54 -19.87 -8.61
C ARG A 356 8.12 -19.65 -7.21
N ALA A 357 7.32 -19.11 -6.30
CA ALA A 357 7.81 -18.84 -4.94
C ALA A 357 8.37 -20.08 -4.26
N LEU A 358 7.80 -21.25 -4.51
CA LEU A 358 8.19 -22.47 -3.81
C LEU A 358 9.11 -23.38 -4.62
N GLY A 359 9.63 -22.90 -5.75
CA GLY A 359 10.47 -23.72 -6.60
C GLY A 359 9.77 -24.94 -7.13
N LEU A 360 8.45 -24.86 -7.30
CA LEU A 360 7.65 -25.97 -7.80
C LEU A 360 7.70 -25.98 -9.31
N PRO A 361 7.38 -27.14 -9.95
CA PRO A 361 7.33 -27.18 -11.41
C PRO A 361 6.52 -26.01 -11.96
N ALA A 362 7.13 -25.29 -12.90
CA ALA A 362 6.54 -24.05 -13.40
C ALA A 362 5.10 -24.29 -13.84
N ALA A 363 4.16 -23.68 -13.13
CA ALA A 363 2.78 -23.71 -13.60
C ALA A 363 2.71 -23.02 -14.95
N GLY A 364 1.73 -23.42 -15.75
CA GLY A 364 1.57 -22.83 -17.05
C GLY A 364 1.33 -23.88 -18.10
N LEU A 365 0.45 -23.56 -19.04
CA LEU A 365 0.12 -24.43 -20.14
C LEU A 365 1.00 -24.04 -21.30
N ALA A 366 2.11 -24.76 -21.45
CA ALA A 366 3.12 -24.47 -22.47
C ALA A 366 3.75 -25.80 -22.85
N ALA A 367 4.30 -25.84 -24.06
CA ALA A 367 4.92 -27.06 -24.58
C ALA A 367 5.91 -27.63 -23.57
N GLY A 368 5.72 -28.90 -23.22
CA GLY A 368 6.59 -29.59 -22.31
C GLY A 368 6.14 -29.58 -20.86
N ALA A 369 5.23 -28.68 -20.49
CA ALA A 369 4.71 -28.66 -19.14
C ALA A 369 3.78 -29.85 -18.91
N ARG A 370 3.70 -30.30 -17.66
CA ARG A 370 2.75 -31.33 -17.34
C ARG A 370 1.33 -30.81 -17.53
N ALA A 371 0.45 -31.66 -18.05
CA ALA A 371 -0.90 -31.26 -18.41
C ALA A 371 -1.79 -31.26 -17.17
N ASP A 372 -1.68 -30.18 -16.39
CA ASP A 372 -2.54 -29.89 -15.25
C ASP A 372 -3.37 -28.65 -15.61
N LEU A 373 -4.69 -28.80 -15.66
CA LEU A 373 -5.54 -27.70 -16.08
C LEU A 373 -6.92 -27.84 -15.46
N VAL A 374 -7.67 -26.74 -15.48
CA VAL A 374 -9.00 -26.67 -14.90
C VAL A 374 -9.94 -26.01 -15.89
N VAL A 375 -11.13 -26.58 -16.05
CA VAL A 375 -12.17 -26.01 -16.90
C VAL A 375 -13.19 -25.30 -16.01
N LEU A 376 -13.38 -24.01 -16.27
CA LEU A 376 -14.35 -23.18 -15.55
C LEU A 376 -15.52 -22.83 -16.46
N ASP A 377 -16.72 -22.86 -15.90
CA ASP A 377 -17.90 -22.42 -16.64
C ASP A 377 -18.02 -20.90 -16.56
N HIS A 378 -19.19 -20.39 -16.96
CA HIS A 378 -19.42 -18.95 -17.04
C HIS A 378 -19.27 -18.27 -15.68
N ASP A 379 -19.87 -18.86 -14.64
CA ASP A 379 -19.76 -18.36 -13.27
C ASP A 379 -18.41 -18.65 -12.62
N LEU A 380 -17.47 -19.23 -13.37
CA LEU A 380 -16.15 -19.61 -12.88
C LEU A 380 -16.22 -20.72 -11.83
N ALA A 381 -17.17 -21.64 -11.97
CA ALA A 381 -17.16 -22.86 -11.19
C ALA A 381 -16.42 -23.96 -11.96
N VAL A 382 -15.79 -24.86 -11.23
CA VAL A 382 -15.02 -25.94 -11.84
C VAL A 382 -15.98 -26.91 -12.51
N THR A 383 -15.79 -27.14 -13.82
CA THR A 383 -16.53 -28.22 -14.46
C THR A 383 -15.68 -29.45 -14.74
N ALA A 384 -14.37 -29.28 -14.95
CA ALA A 384 -13.47 -30.42 -15.14
C ALA A 384 -12.11 -30.07 -14.58
N VAL A 385 -11.36 -31.12 -14.24
CA VAL A 385 -10.00 -31.02 -13.73
C VAL A 385 -9.16 -32.12 -14.38
N MET A 386 -8.05 -31.74 -14.99
CA MET A 386 -7.08 -32.67 -15.53
C MET A 386 -5.80 -32.55 -14.73
N ARG A 387 -5.19 -33.68 -14.41
CA ARG A 387 -3.91 -33.71 -13.74
C ARG A 387 -3.08 -34.83 -14.37
N ALA A 388 -1.84 -34.51 -14.74
CA ALA A 388 -0.96 -35.41 -15.48
C ALA A 388 -1.65 -35.96 -16.73
N GLY A 389 -2.40 -35.10 -17.42
CA GLY A 389 -3.04 -35.49 -18.67
C GLY A 389 -4.23 -36.42 -18.55
N GLU A 390 -4.70 -36.73 -17.35
CA GLU A 390 -5.88 -37.56 -17.14
C GLU A 390 -6.94 -36.76 -16.40
N TRP A 391 -8.21 -36.92 -16.80
CA TRP A 391 -9.31 -36.26 -16.13
C TRP A 391 -9.47 -36.81 -14.72
N VAL A 392 -9.35 -35.92 -13.72
CA VAL A 392 -9.79 -36.23 -12.37
C VAL A 392 -11.28 -35.99 -12.23
N VAL A 393 -11.76 -34.98 -12.94
CA VAL A 393 -13.18 -34.64 -13.08
C VAL A 393 -13.39 -34.48 -14.58
N THR A 394 -14.17 -35.39 -15.18
CA THR A 394 -14.28 -35.48 -16.65
C THR A 394 -15.25 -34.44 -17.21
N GLY B 14 9.25 43.85 -21.31
CA GLY B 14 10.38 43.64 -20.41
C GLY B 14 11.47 42.73 -20.96
N SER B 15 12.70 42.96 -20.52
CA SER B 15 13.84 42.21 -21.05
C SER B 15 13.77 40.74 -20.63
N HIS B 16 14.60 39.92 -21.26
CA HIS B 16 14.63 38.48 -21.05
C HIS B 16 15.86 38.11 -20.23
N MET B 17 15.63 37.46 -19.09
CA MET B 17 16.69 36.95 -18.23
C MET B 17 16.94 35.48 -18.54
N LEU B 18 18.20 35.12 -18.79
CA LEU B 18 18.57 33.76 -19.12
C LEU B 18 19.31 33.13 -17.94
N LEU B 19 18.74 32.07 -17.40
CA LEU B 19 19.33 31.34 -16.29
C LEU B 19 19.81 29.97 -16.76
N THR B 20 20.97 29.54 -16.29
CA THR B 20 21.46 28.18 -16.54
C THR B 20 21.76 27.48 -15.23
N ALA B 21 21.61 26.15 -15.25
CA ALA B 21 21.98 25.33 -14.10
C ALA B 21 22.41 23.97 -14.61
N ASP B 22 23.19 23.27 -13.80
CA ASP B 22 23.61 21.92 -14.17
C ASP B 22 22.42 20.98 -14.37
N THR B 23 21.35 21.17 -13.58
CA THR B 23 20.15 20.34 -13.67
C THR B 23 18.91 21.20 -13.52
N VAL B 24 17.96 21.10 -14.46
CA VAL B 24 16.68 21.78 -14.36
C VAL B 24 15.57 20.75 -14.44
N LEU B 25 14.79 20.64 -13.36
CA LEU B 25 13.60 19.80 -13.34
C LEU B 25 12.40 20.70 -13.61
N THR B 26 11.63 20.36 -14.64
CA THR B 26 10.51 21.20 -15.07
C THR B 26 9.19 20.75 -14.49
N GLY B 27 9.12 19.57 -13.90
CA GLY B 27 7.89 18.95 -13.50
C GLY B 27 7.57 17.70 -14.30
N THR B 28 8.05 17.63 -15.54
CA THR B 28 7.91 16.43 -16.36
C THR B 28 9.23 15.91 -16.89
N GLU B 29 10.22 16.79 -17.07
CA GLU B 29 11.51 16.43 -17.63
C GLU B 29 12.64 16.81 -16.68
N LEU B 30 13.74 16.08 -16.77
CA LEU B 30 14.98 16.44 -16.11
C LEU B 30 15.98 16.86 -17.19
N LEU B 31 16.37 18.12 -17.18
CA LEU B 31 17.27 18.68 -18.17
C LEU B 31 18.67 18.82 -17.58
N ARG B 32 19.66 18.30 -18.29
CA ARG B 32 21.03 18.31 -17.84
C ARG B 32 21.97 18.52 -19.03
N PRO B 33 22.57 19.71 -19.17
CA PRO B 33 22.25 20.89 -18.36
C PRO B 33 20.98 21.54 -18.85
N GLY B 34 20.48 22.55 -18.14
CA GLY B 34 19.24 23.18 -18.50
C GLY B 34 19.35 24.69 -18.52
N TRP B 35 18.36 25.31 -19.14
CA TRP B 35 18.33 26.75 -19.20
C TRP B 35 16.88 27.21 -19.26
N LEU B 36 16.64 28.41 -18.73
CA LEU B 36 15.32 29.02 -18.70
C LEU B 36 15.45 30.48 -19.06
N GLU B 37 14.47 30.96 -19.80
CA GLU B 37 14.37 32.37 -20.15
C GLU B 37 13.16 32.96 -19.45
N ILE B 38 13.38 34.05 -18.72
CA ILE B 38 12.37 34.68 -17.89
C ILE B 38 12.11 36.07 -18.46
N ALA B 39 10.84 36.42 -18.62
CA ALA B 39 10.46 37.79 -18.98
C ALA B 39 9.41 38.24 -17.99
N SER B 40 9.66 39.36 -17.32
CA SER B 40 8.74 39.93 -16.33
C SER B 40 8.47 38.82 -15.31
N ASP B 41 7.24 38.34 -15.16
CA ASP B 41 6.94 37.27 -14.20
C ASP B 41 6.71 35.92 -14.86
N ARG B 42 7.02 35.75 -16.15
CA ARG B 42 6.68 34.53 -16.88
C ARG B 42 7.92 33.81 -17.37
N VAL B 43 7.85 32.47 -17.40
CA VAL B 43 8.82 31.71 -18.17
C VAL B 43 8.50 31.89 -19.65
N VAL B 44 9.49 32.27 -20.43
CA VAL B 44 9.36 32.37 -21.89
C VAL B 44 9.70 31.04 -22.56
N ALA B 45 10.87 30.48 -22.25
CA ALA B 45 11.28 29.23 -22.86
C ALA B 45 12.15 28.46 -21.87
N VAL B 46 12.13 27.14 -22.01
CA VAL B 46 12.99 26.21 -21.29
C VAL B 46 13.64 25.30 -22.32
N GLY B 47 14.87 24.86 -22.05
CA GLY B 47 15.51 23.92 -22.94
C GLY B 47 16.66 23.20 -22.29
N ALA B 48 17.13 22.15 -22.96
CA ALA B 48 18.31 21.40 -22.53
C ALA B 48 19.53 21.80 -23.33
N GLY B 49 20.69 21.50 -22.77
CA GLY B 49 21.94 21.80 -23.44
C GLY B 49 22.38 23.25 -23.23
N ALA B 50 23.15 23.75 -24.20
CA ALA B 50 23.73 25.08 -24.09
C ALA B 50 22.65 26.15 -24.23
N PRO B 51 22.79 27.27 -23.52
CA PRO B 51 21.80 28.34 -23.62
C PRO B 51 21.81 28.97 -25.00
N PRO B 52 20.72 29.64 -25.39
CA PRO B 52 20.70 30.29 -26.72
C PRO B 52 21.66 31.47 -26.82
N ALA B 53 21.92 32.17 -25.71
CA ALA B 53 22.86 33.28 -25.66
C ALA B 53 23.68 33.13 -24.39
N GLN B 54 24.53 34.12 -24.11
CA GLN B 54 25.27 34.11 -22.85
C GLN B 54 24.31 34.36 -21.69
N ALA B 55 24.38 33.52 -20.66
CA ALA B 55 23.41 33.56 -19.59
C ALA B 55 23.61 34.79 -18.70
N ASP B 56 22.49 35.32 -18.19
CA ASP B 56 22.58 36.41 -17.24
C ASP B 56 23.02 35.92 -15.87
N ARG B 57 22.66 34.69 -15.50
CA ARG B 57 23.20 34.10 -14.28
C ARG B 57 23.36 32.60 -14.49
N ASN B 58 24.59 32.12 -14.32
CA ASN B 58 24.84 30.70 -14.32
C ASN B 58 24.79 30.23 -12.87
N LEU B 59 23.84 29.35 -12.57
CA LEU B 59 23.73 28.85 -11.21
C LEU B 59 24.74 27.77 -10.91
N GLY B 60 25.47 27.31 -11.92
CA GLY B 60 26.56 26.37 -11.68
C GLY B 60 26.05 24.99 -11.34
N ALA B 61 26.68 24.37 -10.34
CA ALA B 61 26.35 23.01 -9.95
C ALA B 61 25.16 22.99 -9.02
N ALA B 62 24.07 23.63 -9.42
CA ALA B 62 22.84 23.65 -8.65
C ALA B 62 21.74 22.91 -9.40
N THR B 63 20.77 22.41 -8.65
CA THR B 63 19.55 21.83 -9.22
C THR B 63 18.42 22.86 -9.09
N VAL B 64 17.78 23.20 -10.21
CA VAL B 64 16.62 24.08 -10.21
C VAL B 64 15.36 23.21 -10.26
N VAL B 65 14.38 23.54 -9.42
CA VAL B 65 13.10 22.85 -9.41
C VAL B 65 12.00 23.90 -9.46
N PRO B 66 10.78 23.53 -9.81
CA PRO B 66 9.66 24.47 -9.69
C PRO B 66 9.45 24.84 -8.23
N GLY B 67 8.83 25.99 -8.00
CA GLY B 67 8.55 26.40 -6.63
C GLY B 67 7.71 25.36 -5.91
N PHE B 68 7.96 25.20 -4.61
CA PHE B 68 7.16 24.28 -3.82
C PHE B 68 5.75 24.85 -3.62
N VAL B 69 4.76 23.95 -3.60
CA VAL B 69 3.35 24.27 -3.46
C VAL B 69 2.87 23.61 -2.19
N ASP B 70 2.84 24.35 -1.08
CA ASP B 70 2.42 23.82 0.22
C ASP B 70 0.93 24.09 0.40
N THR B 71 0.13 23.03 0.35
CA THR B 71 -1.32 23.17 0.34
C THR B 71 -1.96 22.95 1.70
N HIS B 72 -1.16 22.87 2.77
CA HIS B 72 -1.75 22.62 4.09
C HIS B 72 -0.69 23.04 5.11
N LEU B 73 -0.85 24.23 5.66
CA LEU B 73 0.04 24.72 6.71
C LEU B 73 -0.68 25.79 7.51
N HIS B 74 -0.23 25.96 8.75
CA HIS B 74 -0.90 26.83 9.72
C HIS B 74 -0.15 28.08 10.04
N GLY B 75 1.16 28.12 9.78
CA GLY B 75 1.91 29.34 10.00
C GLY B 75 3.38 29.07 9.93
N GLY B 76 4.14 29.94 10.59
CA GLY B 76 5.57 29.83 10.64
C GLY B 76 6.21 31.16 10.96
N GLY B 77 7.49 31.09 11.34
CA GLY B 77 8.23 32.28 11.72
C GLY B 77 7.55 33.09 12.82
N GLY B 78 6.72 32.44 13.65
CA GLY B 78 6.00 33.11 14.70
C GLY B 78 4.60 33.58 14.34
N GLY B 79 4.18 33.51 13.08
CA GLY B 79 2.86 33.91 12.67
C GLY B 79 1.89 32.75 12.53
N ASN B 80 0.67 32.94 13.02
CA ASN B 80 -0.43 32.01 12.81
C ASN B 80 -1.38 32.58 11.78
N PHE B 81 -1.71 31.79 10.74
CA PHE B 81 -2.75 32.22 9.82
C PHE B 81 -4.09 32.40 10.51
N SER B 82 -4.38 31.59 11.55
CA SER B 82 -5.62 31.75 12.29
C SER B 82 -5.76 33.12 12.97
N ALA B 83 -4.68 33.89 13.10
CA ALA B 83 -4.78 35.27 13.56
C ALA B 83 -5.46 36.17 12.53
N ALA B 84 -5.26 35.86 11.25
CA ALA B 84 -5.85 36.61 10.14
C ALA B 84 -5.51 38.09 10.22
N THR B 85 -4.23 38.38 10.45
CA THR B 85 -3.73 39.74 10.46
C THR B 85 -2.59 39.86 9.45
N ASP B 86 -2.40 41.07 8.94
CA ASP B 86 -1.33 41.31 7.96
C ASP B 86 0.03 40.98 8.53
N ASP B 87 0.23 41.21 9.83
CA ASP B 87 1.54 41.00 10.42
C ASP B 87 1.82 39.52 10.61
N GLU B 88 0.84 38.75 11.09
CA GLU B 88 1.07 37.32 11.28
C GLU B 88 1.18 36.61 9.94
N THR B 89 0.33 36.95 8.98
CA THR B 89 0.41 36.32 7.68
C THR B 89 1.72 36.67 6.98
N ALA B 90 2.16 37.92 7.10
CA ALA B 90 3.40 38.31 6.45
C ALA B 90 4.59 37.54 7.00
N ARG B 91 4.62 37.29 8.31
CA ARG B 91 5.73 36.56 8.91
C ARG B 91 5.74 35.10 8.49
N ALA B 92 4.56 34.47 8.45
CA ALA B 92 4.49 33.08 8.02
C ALA B 92 4.89 32.96 6.56
N VAL B 93 4.36 33.85 5.73
CA VAL B 93 4.65 33.82 4.30
C VAL B 93 6.15 34.04 4.07
N ALA B 94 6.74 35.01 4.76
CA ALA B 94 8.15 35.30 4.55
C ALA B 94 9.03 34.12 4.90
N LEU B 95 8.66 33.37 5.95
CA LEU B 95 9.46 32.22 6.38
C LEU B 95 9.42 31.12 5.34
N HIS B 96 8.21 30.68 4.97
CA HIS B 96 8.09 29.57 4.04
C HIS B 96 8.56 29.94 2.64
N ARG B 97 8.31 31.19 2.21
CA ARG B 97 8.81 31.64 0.91
C ARG B 97 10.34 31.52 0.81
N ALA B 98 11.04 31.86 1.90
CA ALA B 98 12.50 31.80 1.91
C ALA B 98 13.00 30.37 1.83
N HIS B 99 12.16 29.39 2.16
CA HIS B 99 12.52 27.99 2.03
C HIS B 99 11.92 27.34 0.80
N GLY B 100 11.37 28.13 -0.13
CA GLY B 100 11.01 27.67 -1.45
C GLY B 100 9.53 27.48 -1.71
N SER B 101 8.66 27.72 -0.73
CA SER B 101 7.23 27.57 -0.94
C SER B 101 6.74 28.84 -1.62
N THR B 102 6.59 28.79 -2.94
CA THR B 102 6.13 29.95 -3.70
C THR B 102 4.61 30.01 -3.84
N THR B 103 3.91 28.95 -3.45
CA THR B 103 2.46 28.92 -3.38
C THR B 103 2.06 28.31 -2.05
N LEU B 104 1.09 28.92 -1.36
CA LEU B 104 0.69 28.51 -0.03
C LEU B 104 -0.82 28.47 0.08
N VAL B 105 -1.34 27.42 0.70
CA VAL B 105 -2.76 27.41 1.08
C VAL B 105 -2.84 27.44 2.60
N ALA B 106 -3.38 28.52 3.13
CA ALA B 106 -3.37 28.75 4.57
C ALA B 106 -4.53 28.01 5.20
N SER B 107 -4.23 27.23 6.24
CA SER B 107 -5.22 26.37 6.88
C SER B 107 -5.71 26.98 8.18
N LEU B 108 -7.00 26.76 8.47
CA LEU B 108 -7.60 27.17 9.71
C LEU B 108 -8.08 25.95 10.45
N VAL B 109 -7.80 25.87 11.76
CA VAL B 109 -8.29 24.75 12.56
C VAL B 109 -9.72 25.00 13.00
N THR B 110 -10.33 23.99 13.61
CA THR B 110 -11.70 24.07 14.12
C THR B 110 -11.89 25.32 14.96
N ALA B 111 -12.92 26.10 14.62
CA ALA B 111 -13.22 27.34 15.32
C ALA B 111 -14.72 27.52 15.44
N GLY B 112 -15.12 28.41 16.35
CA GLY B 112 -16.52 28.77 16.51
C GLY B 112 -17.06 29.47 15.28
N PRO B 113 -18.38 29.52 15.13
CA PRO B 113 -18.97 30.04 13.88
C PRO B 113 -18.62 31.49 13.61
N GLU B 114 -18.65 32.34 14.63
CA GLU B 114 -18.33 33.75 14.45
C GLU B 114 -16.82 33.95 14.25
N ASP B 115 -15.99 33.25 15.02
CA ASP B 115 -14.56 33.34 14.80
C ASP B 115 -14.17 32.77 13.44
N LEU B 116 -14.87 31.74 12.96
CA LEU B 116 -14.58 31.20 11.64
C LEU B 116 -14.81 32.25 10.57
N LEU B 117 -15.93 32.97 10.64
CA LEU B 117 -16.26 33.97 9.63
C LEU B 117 -15.24 35.11 9.62
N ARG B 118 -14.82 35.57 10.80
CA ARG B 118 -13.81 36.62 10.87
C ARG B 118 -12.48 36.15 10.27
N GLN B 119 -12.04 34.94 10.62
CA GLN B 119 -10.79 34.42 10.10
C GLN B 119 -10.84 34.28 8.58
N VAL B 120 -11.92 33.69 8.06
CA VAL B 120 -12.07 33.54 6.62
C VAL B 120 -12.07 34.89 5.94
N SER B 121 -12.87 35.85 6.45
CA SER B 121 -12.91 37.19 5.88
C SER B 121 -11.53 37.83 5.83
N GLY B 122 -10.79 37.76 6.94
CA GLY B 122 -9.46 38.35 6.97
C GLY B 122 -8.45 37.65 6.07
N LEU B 123 -8.50 36.32 6.00
CA LEU B 123 -7.54 35.64 5.12
C LEU B 123 -7.88 35.87 3.65
N ALA B 124 -9.18 35.99 3.32
CA ALA B 124 -9.56 36.25 1.93
C ALA B 124 -8.93 37.54 1.42
N ARG B 125 -8.78 38.54 2.29
CA ARG B 125 -8.12 39.78 1.88
C ARG B 125 -6.65 39.55 1.56
N GLN B 126 -6.00 38.66 2.31
CA GLN B 126 -4.60 38.35 1.99
C GLN B 126 -4.46 37.45 0.77
N VAL B 127 -5.47 36.61 0.48
CA VAL B 127 -5.50 35.96 -0.83
C VAL B 127 -5.55 37.00 -1.94
N ARG B 128 -6.47 37.97 -1.84
CA ARG B 128 -6.58 39.00 -2.86
C ARG B 128 -5.32 39.85 -2.95
N ALA B 129 -4.63 40.07 -1.83
CA ALA B 129 -3.36 40.78 -1.87
C ALA B 129 -2.21 39.95 -2.44
N GLY B 130 -2.36 38.64 -2.55
CA GLY B 130 -1.29 37.84 -3.12
C GLY B 130 -0.30 37.25 -2.15
N LEU B 131 -0.54 37.37 -0.84
CA LEU B 131 0.36 36.76 0.13
C LEU B 131 0.18 35.25 0.18
N ILE B 132 -1.06 34.79 0.14
CA ILE B 132 -1.41 33.38 0.15
C ILE B 132 -2.31 33.14 -1.06
N ASP B 133 -2.46 31.87 -1.43
CA ASP B 133 -3.15 31.53 -2.66
C ASP B 133 -4.52 30.91 -2.43
N GLY B 134 -4.92 30.72 -1.19
CA GLY B 134 -6.18 30.05 -0.93
C GLY B 134 -6.29 29.82 0.56
N ILE B 135 -7.45 29.29 0.95
CA ILE B 135 -7.75 28.97 2.35
C ILE B 135 -8.17 27.51 2.43
N HIS B 136 -7.74 26.84 3.48
CA HIS B 136 -8.13 25.47 3.77
C HIS B 136 -8.80 25.48 5.15
N LEU B 137 -10.03 25.00 5.21
CA LEU B 137 -10.72 24.86 6.49
C LEU B 137 -10.52 23.45 6.99
N GLU B 138 -9.55 23.28 7.90
CA GLU B 138 -9.33 22.00 8.58
C GLU B 138 -10.14 21.98 9.87
N GLY B 139 -11.45 21.86 9.70
CA GLY B 139 -12.39 22.05 10.77
C GLY B 139 -13.41 23.11 10.36
N PRO B 140 -14.57 23.13 11.03
CA PRO B 140 -14.93 22.40 12.25
C PRO B 140 -15.70 21.09 12.04
N TRP B 141 -15.90 20.69 10.80
CA TRP B 141 -16.76 19.53 10.52
C TRP B 141 -15.97 18.23 10.55
N LEU B 142 -15.25 18.08 11.66
CA LEU B 142 -14.36 16.96 11.95
C LEU B 142 -14.96 16.07 13.04
N SER B 143 -14.34 14.90 13.22
CA SER B 143 -14.83 13.97 14.24
C SER B 143 -13.75 12.96 14.65
N THR B 144 -12.67 13.43 15.26
CA THR B 144 -11.75 12.50 15.88
C THR B 144 -11.20 13.12 17.16
N LEU B 145 -10.87 12.23 18.11
CA LEU B 145 -10.19 12.61 19.34
C LEU B 145 -8.75 12.14 19.37
N ARG B 146 -8.27 11.55 18.28
CA ARG B 146 -6.91 11.03 18.22
C ARG B 146 -5.90 12.17 18.33
N CYS B 147 -4.67 11.80 18.66
CA CYS B 147 -3.58 12.78 18.70
C CYS B 147 -3.44 13.46 17.34
N GLY B 148 -3.41 14.79 17.37
CA GLY B 148 -3.54 15.60 16.18
C GLY B 148 -4.81 16.43 16.18
N ALA B 149 -5.82 16.05 16.95
CA ALA B 149 -7.04 16.84 17.07
C ALA B 149 -6.69 18.27 17.48
N HIS B 150 -7.38 19.23 16.88
CA HIS B 150 -7.02 20.64 17.03
C HIS B 150 -7.77 21.28 18.19
N GLN B 151 -9.10 21.40 18.06
CA GLN B 151 -9.96 21.84 19.16
C GLN B 151 -11.26 21.04 19.09
N PRO B 152 -11.25 19.79 19.59
CA PRO B 152 -12.41 18.90 19.38
C PRO B 152 -13.70 19.30 20.09
N VAL B 153 -13.67 20.22 21.07
CA VAL B 153 -14.96 20.57 21.69
C VAL B 153 -15.81 21.43 20.75
N LEU B 154 -15.22 22.03 19.71
CA LEU B 154 -15.99 22.84 18.77
C LEU B 154 -16.36 22.07 17.50
N MET B 155 -15.93 20.83 17.35
CA MET B 155 -16.33 20.02 16.21
C MET B 155 -17.85 19.92 16.15
N ARG B 156 -18.43 20.00 14.95
CA ARG B 156 -19.87 19.97 14.84
C ARG B 156 -20.28 19.44 13.48
N ASP B 157 -21.54 19.03 13.39
CA ASP B 157 -22.08 18.53 12.13
C ASP B 157 -22.02 19.61 11.05
N PRO B 158 -21.84 19.23 9.77
CA PRO B 158 -21.80 20.24 8.70
C PRO B 158 -23.17 20.76 8.29
N ASP B 159 -23.53 21.92 8.80
CA ASP B 159 -24.81 22.57 8.48
C ASP B 159 -24.70 23.33 7.17
N PRO B 160 -25.56 23.08 6.18
CA PRO B 160 -25.38 23.74 4.88
C PRO B 160 -25.51 25.26 4.95
N GLY B 161 -26.33 25.78 5.87
CA GLY B 161 -26.38 27.22 6.07
C GLY B 161 -25.04 27.83 6.47
N GLU B 162 -24.39 27.24 7.48
CA GLU B 162 -23.08 27.77 7.88
C GLU B 162 -22.05 27.59 6.77
N ILE B 163 -22.13 26.52 6.00
CA ILE B 163 -21.18 26.33 4.90
C ILE B 163 -21.36 27.42 3.85
N GLY B 164 -22.59 27.68 3.46
CA GLY B 164 -22.84 28.77 2.52
C GLY B 164 -22.37 30.12 3.04
N ARG B 165 -22.62 30.39 4.32
CA ARG B 165 -22.18 31.66 4.92
C ARG B 165 -20.67 31.77 4.95
N VAL B 166 -19.97 30.67 5.26
CA VAL B 166 -18.51 30.70 5.29
C VAL B 166 -17.96 30.84 3.89
N LEU B 167 -18.52 30.11 2.93
CA LEU B 167 -18.05 30.24 1.55
C LEU B 167 -18.35 31.63 0.99
N ASP B 168 -19.50 32.21 1.34
CA ASP B 168 -19.79 33.58 0.93
C ASP B 168 -18.73 34.52 1.46
N ALA B 169 -18.39 34.40 2.75
CA ALA B 169 -17.40 35.28 3.37
C ALA B 169 -16.06 35.23 2.65
N GLY B 170 -15.71 34.09 2.03
CA GLY B 170 -14.43 34.00 1.35
C GLY B 170 -14.37 34.55 -0.06
N GLU B 171 -15.51 34.81 -0.70
CA GLU B 171 -15.53 35.34 -2.07
C GLU B 171 -14.67 34.49 -2.99
N GLY B 172 -14.80 33.17 -2.85
CA GLY B 172 -14.13 32.26 -3.73
C GLY B 172 -12.73 31.87 -3.32
N THR B 173 -12.22 32.38 -2.18
CA THR B 173 -10.86 32.10 -1.77
C THR B 173 -10.72 30.84 -0.91
N VAL B 174 -11.82 30.23 -0.48
CA VAL B 174 -11.74 28.98 0.26
C VAL B 174 -11.57 27.86 -0.77
N ARG B 175 -10.43 27.20 -0.75
CA ARG B 175 -10.07 26.24 -1.77
C ARG B 175 -10.24 24.80 -1.33
N MET B 176 -10.16 24.52 -0.04
CA MET B 176 -10.22 23.14 0.45
C MET B 176 -10.88 23.12 1.81
N VAL B 177 -11.72 22.11 2.04
CA VAL B 177 -12.43 21.91 3.31
C VAL B 177 -12.31 20.44 3.70
N THR B 178 -11.76 20.18 4.89
CA THR B 178 -11.66 18.82 5.42
C THR B 178 -12.98 18.41 6.09
N ILE B 179 -13.49 17.25 5.69
CA ILE B 179 -14.79 16.73 6.12
C ILE B 179 -14.57 15.35 6.71
N ALA B 180 -15.03 15.15 7.95
CA ALA B 180 -15.10 13.79 8.51
C ALA B 180 -16.34 13.10 7.97
N PRO B 181 -16.19 11.99 7.23
CA PRO B 181 -17.34 11.44 6.46
C PRO B 181 -18.45 10.82 7.30
N GLU B 182 -18.29 10.62 8.61
CA GLU B 182 -19.29 9.90 9.38
C GLU B 182 -20.28 10.82 10.11
N ARG B 183 -20.06 12.14 10.12
CA ARG B 183 -21.00 13.05 10.75
C ARG B 183 -22.28 13.15 9.93
N ASP B 184 -23.40 13.29 10.64
CA ASP B 184 -24.67 13.60 9.98
C ASP B 184 -24.49 14.78 9.04
N GLY B 185 -24.92 14.59 7.79
CA GLY B 185 -24.83 15.64 6.77
C GLY B 185 -23.53 15.73 6.01
N ALA B 186 -22.57 14.82 6.27
CA ALA B 186 -21.24 14.93 5.65
C ALA B 186 -21.32 14.73 4.14
N LEU B 187 -22.05 13.72 3.68
CA LEU B 187 -22.12 13.46 2.25
C LEU B 187 -22.77 14.62 1.52
N ALA B 188 -23.81 15.21 2.10
CA ALA B 188 -24.42 16.39 1.49
C ALA B 188 -23.43 17.56 1.47
N ALA B 189 -22.68 17.74 2.56
CA ALA B 189 -21.71 18.83 2.60
C ALA B 189 -20.65 18.69 1.50
N ILE B 190 -20.17 17.47 1.29
CA ILE B 190 -19.21 17.23 0.22
C ILE B 190 -19.80 17.61 -1.13
N ALA B 191 -21.05 17.24 -1.38
CA ALA B 191 -21.68 17.62 -2.64
C ALA B 191 -21.81 19.13 -2.73
N GLN B 192 -22.11 19.78 -1.61
CA GLN B 192 -22.25 21.24 -1.59
C GLN B 192 -20.92 21.92 -1.90
N LEU B 193 -19.83 21.40 -1.32
CA LEU B 193 -18.51 22.00 -1.55
C LEU B 193 -18.08 21.87 -2.99
N VAL B 194 -18.25 20.69 -3.59
CA VAL B 194 -17.80 20.48 -4.97
C VAL B 194 -18.59 21.37 -5.93
N ASN B 195 -19.89 21.51 -5.70
CA ASN B 195 -20.71 22.36 -6.56
C ASN B 195 -20.28 23.83 -6.47
N ALA B 196 -19.74 24.25 -5.32
CA ALA B 196 -19.20 25.59 -5.16
C ALA B 196 -17.76 25.71 -5.66
N GLY B 197 -17.20 24.66 -6.24
CA GLY B 197 -15.82 24.69 -6.70
C GLY B 197 -14.77 24.57 -5.64
N VAL B 198 -15.12 24.07 -4.45
CA VAL B 198 -14.15 23.84 -3.38
C VAL B 198 -13.78 22.35 -3.34
N VAL B 199 -12.50 22.06 -3.06
CA VAL B 199 -12.06 20.68 -2.89
C VAL B 199 -12.55 20.16 -1.54
N ALA B 200 -13.13 18.96 -1.55
CA ALA B 200 -13.51 18.28 -0.32
C ALA B 200 -12.40 17.29 0.02
N ALA B 201 -11.82 17.43 1.21
CA ALA B 201 -10.80 16.53 1.70
C ALA B 201 -11.38 15.67 2.84
N VAL B 202 -10.90 14.42 2.96
CA VAL B 202 -11.28 13.54 4.06
C VAL B 202 -10.17 13.56 5.09
N GLY B 203 -10.53 13.72 6.36
CA GLY B 203 -9.54 13.82 7.41
C GLY B 203 -10.21 13.88 8.75
N HIS B 204 -9.38 13.76 9.80
CA HIS B 204 -9.81 13.91 11.19
C HIS B 204 -11.09 13.13 11.48
N THR B 205 -11.02 11.82 11.22
CA THR B 205 -12.23 11.04 11.11
C THR B 205 -12.01 9.63 11.62
N GLU B 206 -13.07 9.07 12.19
CA GLU B 206 -13.20 7.67 12.57
C GLU B 206 -14.06 6.90 11.57
N ALA B 207 -14.20 7.41 10.34
CA ALA B 207 -15.04 6.77 9.35
C ALA B 207 -14.52 5.39 8.98
N THR B 208 -15.45 4.51 8.62
CA THR B 208 -15.05 3.21 8.12
C THR B 208 -14.63 3.33 6.65
N TYR B 209 -14.09 2.23 6.14
CA TYR B 209 -13.77 2.12 4.72
C TYR B 209 -14.97 2.46 3.85
N ASP B 210 -16.14 1.89 4.18
CA ASP B 210 -17.33 2.10 3.38
C ASP B 210 -17.78 3.56 3.41
N GLN B 211 -17.79 4.15 4.62
CA GLN B 211 -18.17 5.56 4.76
C GLN B 211 -17.23 6.49 4.01
N THR B 212 -15.94 6.14 3.93
CA THR B 212 -14.96 6.96 3.21
C THR B 212 -15.15 6.81 1.72
N ARG B 213 -15.36 5.58 1.25
CA ARG B 213 -15.63 5.36 -0.17
C ARG B 213 -16.90 6.11 -0.59
N ALA B 214 -17.87 6.25 0.31
CA ALA B 214 -19.06 7.04 -0.01
C ALA B 214 -18.73 8.52 -0.14
N ALA B 215 -17.86 9.02 0.75
CA ALA B 215 -17.37 10.40 0.64
C ALA B 215 -16.64 10.63 -0.68
N ILE B 216 -15.86 9.64 -1.14
CA ILE B 216 -15.16 9.77 -2.41
C ILE B 216 -16.14 9.79 -3.58
N ASP B 217 -17.17 8.94 -3.54
CA ASP B 217 -18.19 8.94 -4.57
C ASP B 217 -18.98 10.25 -4.59
N ALA B 218 -19.15 10.88 -3.43
CA ALA B 218 -19.81 12.17 -3.35
C ALA B 218 -18.93 13.32 -3.83
N GLY B 219 -17.66 13.07 -4.11
CA GLY B 219 -16.79 14.08 -4.69
C GLY B 219 -15.56 14.44 -3.91
N ALA B 220 -15.26 13.80 -2.78
CA ALA B 220 -14.01 14.09 -2.08
C ALA B 220 -12.84 13.62 -2.94
N THR B 221 -11.79 14.44 -3.02
CA THR B 221 -10.66 14.13 -3.89
C THR B 221 -9.31 14.28 -3.21
N VAL B 222 -9.27 14.55 -1.90
CA VAL B 222 -8.02 14.72 -1.17
C VAL B 222 -8.13 13.99 0.16
N GLY B 223 -7.04 13.33 0.57
CA GLY B 223 -6.90 12.84 1.93
C GLY B 223 -6.03 13.78 2.75
N THR B 224 -6.60 14.36 3.81
CA THR B 224 -5.87 15.24 4.72
C THR B 224 -4.91 14.43 5.59
N HIS B 225 -3.64 14.84 5.61
CA HIS B 225 -2.47 14.13 6.14
C HIS B 225 -2.74 12.67 6.49
N LEU B 226 -2.74 11.84 5.46
CA LEU B 226 -2.97 10.40 5.56
C LEU B 226 -2.24 9.79 6.75
N PHE B 227 -2.97 8.96 7.50
CA PHE B 227 -2.56 8.22 8.69
C PHE B 227 -2.59 9.07 9.97
N ASN B 228 -2.40 10.39 9.85
CA ASN B 228 -2.50 11.24 11.03
C ASN B 228 -3.94 11.63 11.29
N ALA B 229 -4.35 11.56 12.56
CA ALA B 229 -5.72 11.93 12.98
C ALA B 229 -6.76 11.11 12.22
N MET B 230 -6.51 9.82 12.07
CA MET B 230 -7.30 8.99 11.20
C MET B 230 -7.29 7.58 11.77
N ARG B 231 -8.42 6.89 11.62
CA ARG B 231 -8.50 5.50 12.05
C ARG B 231 -7.44 4.66 11.31
N PRO B 232 -6.76 3.75 12.01
CA PRO B 232 -5.71 2.96 11.34
C PRO B 232 -6.29 1.88 10.43
N ILE B 233 -5.37 1.27 9.66
CA ILE B 233 -5.71 0.12 8.83
C ILE B 233 -5.81 -1.12 9.70
N ASP B 234 -6.94 -1.82 9.59
CA ASP B 234 -7.15 -3.12 10.22
C ASP B 234 -7.57 -4.11 9.14
N ARG B 235 -7.15 -5.37 9.32
CA ARG B 235 -7.32 -6.44 8.34
C ARG B 235 -8.78 -6.68 7.97
N ARG B 236 -9.71 -6.50 8.91
CA ARG B 236 -11.12 -6.67 8.60
C ARG B 236 -11.87 -5.36 8.44
N GLU B 237 -11.39 -4.26 9.00
CA GLU B 237 -11.95 -2.93 8.73
C GLU B 237 -10.79 -2.06 8.25
N PRO B 238 -10.62 -1.90 6.93
CA PRO B 238 -9.45 -1.17 6.41
C PRO B 238 -9.39 0.32 6.79
N GLY B 239 -10.52 0.94 7.07
CA GLY B 239 -10.50 2.33 7.46
C GLY B 239 -10.29 3.25 6.27
N PRO B 240 -10.20 4.55 6.54
CA PRO B 240 -10.23 5.52 5.43
C PRO B 240 -8.97 5.53 4.58
N ALA B 241 -7.79 5.25 5.17
CA ALA B 241 -6.55 5.32 4.40
C ALA B 241 -6.59 4.43 3.16
N VAL B 242 -7.28 3.28 3.26
CA VAL B 242 -7.28 2.35 2.14
C VAL B 242 -8.27 2.77 1.07
N ALA B 243 -9.47 3.24 1.47
CA ALA B 243 -10.38 3.85 0.52
C ALA B 243 -9.72 5.00 -0.21
N LEU B 244 -8.94 5.81 0.50
CA LEU B 244 -8.30 6.97 -0.11
C LEU B 244 -7.17 6.57 -1.06
N THR B 245 -6.37 5.55 -0.71
CA THR B 245 -5.31 5.13 -1.63
C THR B 245 -5.85 4.34 -2.81
N GLU B 246 -7.01 3.69 -2.64
CA GLU B 246 -7.55 2.82 -3.67
C GLU B 246 -8.07 3.61 -4.87
N ASP B 247 -8.66 4.79 -4.65
CA ASP B 247 -9.41 5.50 -5.69
C ASP B 247 -8.53 6.49 -6.44
N SER B 248 -8.48 6.36 -7.78
CA SER B 248 -7.56 7.18 -8.58
C SER B 248 -7.92 8.66 -8.56
N ARG B 249 -9.15 9.01 -8.17
CA ARG B 249 -9.54 10.42 -8.10
C ARG B 249 -8.91 11.17 -6.93
N VAL B 250 -8.32 10.46 -5.97
CA VAL B 250 -7.89 11.05 -4.71
C VAL B 250 -6.39 11.30 -4.74
N THR B 251 -5.98 12.49 -4.34
CA THR B 251 -4.58 12.80 -4.07
C THR B 251 -4.37 12.85 -2.56
N VAL B 252 -3.49 12.00 -2.03
CA VAL B 252 -3.29 11.91 -0.58
C VAL B 252 -2.17 12.86 -0.15
N GLU B 253 -2.42 13.57 0.95
CA GLU B 253 -1.40 14.37 1.62
C GLU B 253 -0.60 13.48 2.53
N MET B 254 0.69 13.76 2.65
CA MET B 254 1.48 13.09 3.67
C MET B 254 2.46 14.10 4.25
N ILE B 255 2.57 14.12 5.58
CA ILE B 255 3.60 14.90 6.25
C ILE B 255 4.83 14.01 6.36
N VAL B 256 5.84 14.29 5.52
CA VAL B 256 7.08 13.53 5.56
C VAL B 256 8.17 14.39 6.21
N ASP B 257 8.02 14.61 7.52
CA ASP B 257 9.07 15.24 8.31
C ASP B 257 9.88 14.23 9.11
N GLY B 258 9.61 12.93 8.96
CA GLY B 258 10.27 11.90 9.73
C GLY B 258 9.60 11.56 11.04
N VAL B 259 8.61 12.35 11.47
CA VAL B 259 7.98 12.22 12.77
C VAL B 259 6.54 11.77 12.65
N HIS B 260 5.81 12.28 11.67
CA HIS B 260 4.38 12.02 11.62
C HIS B 260 4.07 10.63 11.06
N VAL B 261 4.87 10.15 10.10
CA VAL B 261 4.72 8.81 9.57
C VAL B 261 6.13 8.25 9.36
N ALA B 262 6.28 6.94 9.52
CA ALA B 262 7.58 6.32 9.29
C ALA B 262 7.97 6.46 7.82
N PRO B 263 9.25 6.69 7.52
CA PRO B 263 9.66 6.76 6.09
C PRO B 263 9.17 5.58 5.24
N ALA B 264 9.10 4.38 5.80
CA ALA B 264 8.65 3.22 5.02
C ALA B 264 7.15 3.29 4.72
N ILE B 265 6.38 3.97 5.57
CA ILE B 265 4.98 4.23 5.25
C ILE B 265 4.87 5.14 4.04
N TYR B 266 5.72 6.17 3.98
CA TYR B 266 5.73 7.07 2.83
C TYR B 266 6.10 6.31 1.54
N ARG B 267 7.06 5.39 1.65
CA ARG B 267 7.43 4.54 0.51
C ARG B 267 6.28 3.61 0.12
N HIS B 268 5.69 2.94 1.10
CA HIS B 268 4.53 2.07 0.86
C HIS B 268 3.41 2.81 0.12
N ILE B 269 3.06 4.01 0.59
CA ILE B 269 1.96 4.73 -0.04
C ILE B 269 2.37 5.20 -1.43
N THR B 270 3.60 5.71 -1.59
CA THR B 270 4.05 6.08 -2.91
C THR B 270 3.99 4.89 -3.85
N GLN B 271 4.46 3.72 -3.38
CA GLN B 271 4.38 2.49 -4.16
C GLN B 271 2.94 2.15 -4.51
N THR B 272 2.01 2.38 -3.59
CA THR B 272 0.60 2.05 -3.83
C THR B 272 -0.06 3.01 -4.83
N VAL B 273 0.06 4.33 -4.62
CA VAL B 273 -0.79 5.25 -5.38
C VAL B 273 -0.13 5.74 -6.66
N GLY B 274 1.19 5.62 -6.79
CA GLY B 274 1.89 6.05 -7.98
C GLY B 274 2.45 7.46 -7.84
N PRO B 275 3.14 7.94 -8.88
CA PRO B 275 3.83 9.24 -8.77
C PRO B 275 2.91 10.46 -8.84
N GLU B 276 1.65 10.30 -9.26
CA GLU B 276 0.73 11.42 -9.47
C GLU B 276 -0.18 11.70 -8.30
N ARG B 277 -0.22 10.84 -7.28
CA ARG B 277 -1.35 10.83 -6.36
C ARG B 277 -0.95 11.11 -4.92
N LEU B 278 0.27 11.57 -4.66
CA LEU B 278 0.68 11.98 -3.33
C LEU B 278 1.18 13.41 -3.34
N SER B 279 0.74 14.19 -2.36
CA SER B 279 1.19 15.55 -2.13
C SER B 279 2.00 15.62 -0.84
N LEU B 280 3.17 16.24 -0.91
CA LEU B 280 3.95 16.54 0.28
C LEU B 280 3.42 17.86 0.86
N ILE B 281 3.16 17.89 2.17
CA ILE B 281 2.70 19.06 2.89
C ILE B 281 3.56 19.18 4.14
N THR B 282 3.53 20.35 4.75
CA THR B 282 4.22 20.55 6.01
C THR B 282 3.31 20.43 7.22
N ALA B 283 2.05 20.88 7.08
CA ALA B 283 1.19 21.19 8.22
C ALA B 283 1.93 22.06 9.24
N ALA B 284 2.79 22.95 8.74
CA ALA B 284 3.69 23.71 9.61
C ALA B 284 2.92 24.59 10.58
N MET B 285 3.35 24.59 11.84
CA MET B 285 2.73 25.49 12.80
CA MET B 285 2.79 25.44 12.88
C MET B 285 3.63 26.72 13.01
N ALA B 286 3.10 27.68 13.79
CA ALA B 286 3.69 29.01 13.84
C ALA B 286 5.13 29.03 14.33
N ALA B 287 5.60 28.00 15.05
CA ALA B 287 6.98 28.02 15.52
C ALA B 287 7.97 27.57 14.46
N THR B 288 7.50 27.11 13.31
CA THR B 288 8.40 26.68 12.23
C THR B 288 9.40 27.77 11.87
N GLY B 289 10.68 27.39 11.84
CA GLY B 289 11.74 28.29 11.44
C GLY B 289 12.26 29.23 12.51
N MET B 290 11.77 29.11 13.74
CA MET B 290 12.24 29.99 14.81
C MET B 290 13.41 29.37 15.54
N SER B 291 14.30 30.22 16.04
CA SER B 291 15.41 29.78 16.85
C SER B 291 14.92 29.20 18.18
N ASP B 292 15.82 28.49 18.85
CA ASP B 292 15.50 27.96 20.16
C ASP B 292 15.10 29.09 21.11
N GLY B 293 14.08 28.82 21.92
CA GLY B 293 13.60 29.81 22.86
C GLY B 293 12.16 29.52 23.23
N VAL B 294 11.62 30.41 24.06
CA VAL B 294 10.23 30.32 24.49
C VAL B 294 9.50 31.50 23.87
N TYR B 295 8.29 31.25 23.40
CA TYR B 295 7.59 32.22 22.56
C TYR B 295 6.11 32.20 22.88
N ARG B 296 5.50 33.38 22.83
CA ARG B 296 4.07 33.53 22.93
C ARG B 296 3.49 33.50 21.51
N LEU B 297 2.79 32.41 21.17
CA LEU B 297 2.26 32.21 19.82
C LEU B 297 0.77 31.88 19.94
N GLY B 298 -0.07 32.86 19.63
CA GLY B 298 -1.48 32.75 19.89
C GLY B 298 -1.70 32.54 21.38
N PRO B 299 -2.54 31.58 21.75
CA PRO B 299 -2.85 31.36 23.16
C PRO B 299 -1.87 30.45 23.91
N LEU B 300 -0.68 30.19 23.37
CA LEU B 300 0.20 29.23 24.01
C LEU B 300 1.63 29.76 24.09
N ASP B 301 2.28 29.47 25.22
CA ASP B 301 3.74 29.57 25.34
C ASP B 301 4.32 28.32 24.70
N ILE B 302 5.21 28.50 23.73
CA ILE B 302 5.84 27.38 23.02
C ILE B 302 7.34 27.41 23.29
N ASP B 303 7.89 26.26 23.68
CA ASP B 303 9.31 26.09 23.94
C ASP B 303 9.92 25.34 22.76
N VAL B 304 10.83 25.99 22.04
CA VAL B 304 11.52 25.36 20.91
C VAL B 304 12.89 24.89 21.38
N VAL B 305 13.13 23.58 21.28
CA VAL B 305 14.40 22.96 21.67
C VAL B 305 14.88 22.11 20.50
N ALA B 306 16.04 22.47 19.95
CA ALA B 306 16.61 21.80 18.78
C ALA B 306 15.64 21.81 17.60
N GLY B 307 14.86 22.88 17.47
CA GLY B 307 13.91 23.02 16.39
C GLY B 307 12.60 22.28 16.56
N VAL B 308 12.41 21.58 17.68
CA VAL B 308 11.14 20.89 17.97
C VAL B 308 10.33 21.76 18.91
N ALA B 309 9.08 22.03 18.54
CA ALA B 309 8.22 22.91 19.32
C ALA B 309 7.40 22.10 20.32
N ARG B 310 7.38 22.56 21.58
CA ARG B 310 6.56 21.95 22.62
C ARG B 310 5.86 23.06 23.40
N VAL B 311 4.68 22.75 23.93
CA VAL B 311 4.03 23.72 24.79
C VAL B 311 4.84 23.82 26.08
N ALA B 312 5.12 25.05 26.51
CA ALA B 312 6.06 25.26 27.61
C ALA B 312 5.55 24.59 28.88
N GLY B 313 6.46 23.97 29.63
CA GLY B 313 6.11 23.24 30.81
C GLY B 313 5.73 21.80 30.57
N THR B 314 5.57 21.37 29.30
CA THR B 314 5.13 20.02 28.98
C THR B 314 6.11 19.38 28.00
N ASP B 315 6.01 18.05 27.88
CA ASP B 315 6.75 17.28 26.88
C ASP B 315 5.99 17.14 25.57
N THR B 316 4.81 17.76 25.45
CA THR B 316 3.91 17.48 24.36
C THR B 316 4.28 18.30 23.13
N ILE B 317 4.51 17.61 22.02
CA ILE B 317 4.89 18.26 20.76
C ILE B 317 3.70 19.02 20.19
N ALA B 318 3.92 20.27 19.81
CA ALA B 318 2.85 21.17 19.39
C ALA B 318 2.60 21.13 17.88
N GLY B 319 3.09 20.11 17.18
CA GLY B 319 2.82 19.92 15.77
C GLY B 319 4.07 19.99 14.93
N SER B 320 3.86 19.94 13.61
CA SER B 320 4.97 19.97 12.66
C SER B 320 5.71 21.31 12.68
N THR B 321 7.04 21.25 12.59
CA THR B 321 7.82 22.44 12.31
C THR B 321 8.59 22.27 11.02
N ALA B 322 7.97 21.59 10.06
CA ALA B 322 8.61 21.28 8.79
C ALA B 322 8.42 22.42 7.81
N THR B 323 9.42 22.60 6.95
CA THR B 323 9.30 23.45 5.76
C THR B 323 9.29 22.56 4.53
N MET B 324 8.76 23.10 3.43
CA MET B 324 8.74 22.29 2.21
C MET B 324 10.14 21.88 1.80
N GLU B 325 11.14 22.72 2.07
CA GLU B 325 12.54 22.36 1.83
C GLU B 325 12.93 21.08 2.57
N GLN B 326 12.48 20.94 3.82
CA GLN B 326 12.84 19.74 4.60
C GLN B 326 12.09 18.51 4.10
N VAL B 327 10.80 18.65 3.81
CA VAL B 327 10.06 17.46 3.39
C VAL B 327 10.50 17.01 2.00
N PHE B 328 10.82 17.97 1.12
CA PHE B 328 11.38 17.62 -0.19
C PHE B 328 12.64 16.79 -0.05
N ARG B 329 13.58 17.26 0.78
CA ARG B 329 14.85 16.57 0.96
C ARG B 329 14.65 15.21 1.62
N LEU B 330 13.72 15.11 2.57
CA LEU B 330 13.41 13.81 3.17
C LEU B 330 12.69 12.89 2.17
N ALA B 331 11.81 13.45 1.35
CA ALA B 331 11.17 12.67 0.30
C ALA B 331 12.20 12.06 -0.65
N VAL B 332 13.20 12.85 -1.07
CA VAL B 332 14.23 12.34 -1.97
C VAL B 332 15.07 11.27 -1.28
N ALA B 333 15.31 11.45 0.02
CA ALA B 333 16.18 10.53 0.75
C ALA B 333 15.49 9.19 1.01
N HIS B 334 14.19 9.21 1.28
CA HIS B 334 13.48 8.04 1.76
C HIS B 334 12.58 7.39 0.74
N CYS B 335 12.52 7.86 -0.50
CA CYS B 335 11.61 7.19 -1.43
C CYS B 335 12.20 5.90 -2.00
N GLY B 336 13.48 5.64 -1.78
CA GLY B 336 14.06 4.38 -2.21
C GLY B 336 14.37 4.29 -3.70
N LEU B 337 14.37 5.41 -4.39
CA LEU B 337 14.75 5.45 -5.80
C LEU B 337 16.14 6.07 -5.95
N PRO B 338 16.84 5.79 -7.06
CA PRO B 338 18.10 6.48 -7.31
C PRO B 338 17.85 7.97 -7.48
N ARG B 339 18.93 8.74 -7.28
CA ARG B 339 18.80 10.18 -7.04
C ARG B 339 17.99 10.88 -8.13
N ASP B 340 18.24 10.56 -9.40
CA ASP B 340 17.55 11.27 -10.47
C ASP B 340 16.07 10.95 -10.50
N ASP B 341 15.74 9.66 -10.37
CA ASP B 341 14.34 9.29 -10.24
C ASP B 341 13.72 9.87 -8.98
N ALA B 342 14.51 10.02 -7.91
CA ALA B 342 13.98 10.52 -6.65
C ALA B 342 13.64 12.01 -6.75
N LEU B 343 14.53 12.80 -7.36
CA LEU B 343 14.25 14.20 -7.61
C LEU B 343 13.01 14.38 -8.47
N SER B 344 12.86 13.52 -9.47
CA SER B 344 11.72 13.64 -10.37
C SER B 344 10.42 13.31 -9.67
N LEU B 345 10.43 12.30 -8.79
CA LEU B 345 9.25 12.00 -8.01
C LEU B 345 8.95 13.13 -7.02
N ALA B 346 9.98 13.60 -6.31
CA ALA B 346 9.78 14.63 -5.30
C ALA B 346 9.22 15.91 -5.90
N VAL B 347 9.65 16.24 -7.13
CA VAL B 347 9.11 17.44 -7.77
C VAL B 347 7.62 17.28 -8.07
N ARG B 348 7.20 16.10 -8.51
CA ARG B 348 5.78 15.84 -8.68
C ARG B 348 5.04 15.97 -7.35
N GLN B 349 5.59 15.40 -6.27
CA GLN B 349 4.86 15.37 -5.01
C GLN B 349 4.86 16.73 -4.32
N ALA B 350 5.89 17.56 -4.52
CA ALA B 350 5.99 18.81 -3.80
C ALA B 350 5.53 20.01 -4.62
N CYS B 351 5.34 19.84 -5.93
CA CYS B 351 5.07 20.93 -6.86
C CYS B 351 3.84 20.66 -7.73
N VAL B 352 3.82 19.55 -8.46
CA VAL B 352 2.77 19.38 -9.47
C VAL B 352 1.50 18.78 -8.87
N ASN B 353 1.62 17.66 -8.17
CA ASN B 353 0.44 17.00 -7.62
C ASN B 353 -0.37 17.90 -6.72
N PRO B 354 0.22 18.66 -5.77
CA PRO B 354 -0.62 19.49 -4.91
C PRO B 354 -1.28 20.64 -5.64
N ALA B 355 -0.59 21.25 -6.60
CA ALA B 355 -1.21 22.34 -7.35
C ALA B 355 -2.39 21.83 -8.16
N ARG B 356 -2.23 20.63 -8.74
CA ARG B 356 -3.31 20.04 -9.53
C ARG B 356 -4.48 19.64 -8.65
N ALA B 357 -4.21 19.03 -7.48
CA ALA B 357 -5.29 18.62 -6.61
C ALA B 357 -6.14 19.81 -6.17
N LEU B 358 -5.53 20.96 -5.96
CA LEU B 358 -6.25 22.12 -5.47
C LEU B 358 -6.74 23.05 -6.58
N GLY B 359 -6.52 22.69 -7.84
CA GLY B 359 -6.94 23.56 -8.92
C GLY B 359 -6.15 24.84 -9.00
N LEU B 360 -4.91 24.82 -8.53
CA LEU B 360 -4.06 25.99 -8.56
C LEU B 360 -3.33 26.04 -9.89
N PRO B 361 -2.76 27.21 -10.28
CA PRO B 361 -1.95 27.28 -11.50
C PRO B 361 -0.97 26.12 -11.61
N ALA B 362 -1.12 25.33 -12.66
CA ALA B 362 -0.34 24.11 -12.83
C ALA B 362 1.14 24.41 -12.68
N ALA B 363 1.75 23.83 -11.66
CA ALA B 363 3.16 24.06 -11.43
C ALA B 363 3.97 23.57 -12.64
N GLY B 364 5.24 23.92 -12.65
CA GLY B 364 6.09 23.49 -13.72
C GLY B 364 6.78 24.66 -14.38
N LEU B 365 8.00 24.43 -14.79
CA LEU B 365 8.77 25.42 -15.52
C LEU B 365 8.55 25.12 -17.00
N ALA B 366 7.60 25.80 -17.58
CA ALA B 366 7.23 25.61 -18.98
C ALA B 366 6.91 26.96 -19.58
N ALA B 367 6.98 27.03 -20.90
CA ALA B 367 6.59 28.25 -21.59
C ALA B 367 5.19 28.66 -21.14
N GLY B 368 5.05 29.95 -20.80
CA GLY B 368 3.79 30.48 -20.34
C GLY B 368 3.59 30.46 -18.84
N ALA B 369 4.29 29.59 -18.11
CA ALA B 369 4.08 29.46 -16.68
C ALA B 369 4.70 30.64 -15.92
N ARG B 370 4.16 30.91 -14.74
CA ARG B 370 4.76 31.94 -13.88
C ARG B 370 6.13 31.47 -13.41
N ALA B 371 7.05 32.43 -13.26
CA ALA B 371 8.45 32.13 -13.00
C ALA B 371 8.66 31.96 -11.48
N ASP B 372 8.24 30.81 -10.99
CA ASP B 372 8.43 30.42 -9.60
C ASP B 372 9.36 29.22 -9.59
N LEU B 373 10.55 29.37 -9.00
CA LEU B 373 11.50 28.28 -9.01
C LEU B 373 12.37 28.36 -7.76
N VAL B 374 13.09 27.26 -7.50
CA VAL B 374 13.92 27.10 -6.31
C VAL B 374 15.26 26.52 -6.74
N VAL B 375 16.34 27.09 -6.22
CA VAL B 375 17.69 26.65 -6.54
C VAL B 375 18.20 25.89 -5.34
N LEU B 376 18.73 24.68 -5.60
CA LEU B 376 19.21 23.80 -4.53
C LEU B 376 20.64 23.41 -4.83
N ASP B 377 21.45 23.27 -3.77
CA ASP B 377 22.82 22.78 -3.94
C ASP B 377 22.83 21.26 -3.88
N HIS B 378 24.03 20.66 -3.80
CA HIS B 378 24.10 19.19 -3.87
C HIS B 378 23.52 18.55 -2.61
N ASP B 379 23.60 19.24 -1.47
CA ASP B 379 22.91 18.77 -0.27
C ASP B 379 21.40 18.97 -0.34
N LEU B 380 20.86 19.41 -1.48
CA LEU B 380 19.46 19.76 -1.63
C LEU B 380 19.02 20.83 -0.61
N ALA B 381 19.93 21.73 -0.27
CA ALA B 381 19.57 22.91 0.51
C ALA B 381 19.23 24.06 -0.43
N VAL B 382 18.20 24.83 -0.06
CA VAL B 382 17.79 26.00 -0.83
C VAL B 382 18.88 27.07 -0.76
N THR B 383 19.32 27.52 -1.92
CA THR B 383 20.28 28.62 -2.01
C THR B 383 19.68 29.86 -2.66
N ALA B 384 18.58 29.73 -3.38
CA ALA B 384 17.91 30.87 -3.99
C ALA B 384 16.47 30.50 -4.27
N VAL B 385 15.60 31.52 -4.31
CA VAL B 385 14.16 31.35 -4.51
C VAL B 385 13.67 32.47 -5.43
N MET B 386 13.01 32.10 -6.52
CA MET B 386 12.39 33.08 -7.39
C MET B 386 10.89 32.89 -7.36
N ARG B 387 10.15 34.01 -7.34
CA ARG B 387 8.70 33.99 -7.35
C ARG B 387 8.21 35.13 -8.23
N ALA B 388 7.37 34.81 -9.21
CA ALA B 388 6.88 35.78 -10.20
C ALA B 388 8.04 36.53 -10.85
N GLY B 389 9.09 35.80 -11.20
CA GLY B 389 10.21 36.34 -11.93
C GLY B 389 11.21 37.16 -11.13
N GLU B 390 11.02 37.31 -9.83
CA GLU B 390 11.93 38.10 -9.02
C GLU B 390 12.50 37.26 -7.88
N TRP B 391 13.74 37.55 -7.51
CA TRP B 391 14.37 36.78 -6.44
C TRP B 391 13.72 37.18 -5.10
N VAL B 392 13.00 36.24 -4.49
CA VAL B 392 12.70 36.34 -3.06
C VAL B 392 13.97 36.18 -2.25
N VAL B 393 14.66 35.05 -2.46
CA VAL B 393 16.01 34.78 -1.96
C VAL B 393 16.93 34.70 -3.17
N THR B 394 17.81 35.69 -3.31
CA THR B 394 18.76 35.71 -4.41
C THR B 394 19.94 34.80 -4.09
N PRO B 395 20.55 34.18 -5.11
CA PRO B 395 21.63 33.21 -4.84
C PRO B 395 22.71 33.81 -3.96
N GLY B 396 23.07 33.08 -2.89
CA GLY B 396 24.00 33.53 -1.88
C GLY B 396 23.37 34.09 -0.61
N ALA B 397 22.13 34.56 -0.67
CA ALA B 397 21.52 35.30 0.43
C ALA B 397 20.75 34.43 1.43
N ALA B 398 20.71 33.12 1.25
CA ALA B 398 19.98 32.25 2.18
C ALA B 398 20.70 32.13 3.54
#